data_3Q3O
#
_entry.id   3Q3O
#
_cell.length_a   98.698
_cell.length_b   116.393
_cell.length_c   180.789
_cell.angle_alpha   90.000
_cell.angle_beta   90.000
_cell.angle_gamma   90.000
#
_symmetry.space_group_name_H-M   'C 2 2 21'
#
loop_
_entity.id
_entity.type
_entity.pdbx_description
1 polymer 'Toluene-4-monooxygenase system protein A'
2 polymer 'Toluene-4-monooxygenase system protein E'
3 polymer 'Toluene-4-monooxygenase system protein B'
4 polymer 'Toluene-4-monooxygenase system protein D'
5 non-polymer 'FE (III) ION'
6 non-polymer PHENOL
7 non-polymer 'PENTAETHYLENE GLYCOL'
8 water water
#
loop_
_entity_poly.entity_id
_entity_poly.type
_entity_poly.pdbx_seq_one_letter_code
_entity_poly.pdbx_strand_id
1 'polypeptide(L)'
;MAMHPRKDWYELTRATNWTPSYVTEEQLFPERMSGHMGIPLEKWESYDEPYKTSYPEYVSIQREKDAGAYSVKAALERAK
IYENSDPGWISTLKSHYGAIAVGEYAAVTGEGRMARFSKAPGNRNMATFGMMDELRHGQLQLFFPHEYCKKDRQFDWAWR
AYHSNEWAAIAAKHFFDDIITGRDAISVAIMLTFSFETGFTNMQFLGLAADAAEAGDYTFANLISSIQTDESRHAQQGGP
ALQLLIENGKREEAQKKVDMAIWRAWRLFAVLTGPVMDYYTPLEDRSQSFKEFMYEWIIGQFERSLIDLGLDKPWYWDLF
LKDIDELHHSYHMGVWYWRTTAWWNPAAGVTPEERDWLEEKYPGWNKRWGRCWDVITENVLNDRMDLVSPETLPSVCNMS
QIPLVGVPGDDWNIEVFSLEHNGRLYHFGSEVDRWVFQQDPVQYQNHMNIVDRFLAGQIQPMTLEGALKYMGFQSIEEMG
KDAHDFAWADKCKPAMKKSA
;
A
2 'polypeptide(L)'
;MSFESKKPMRTWSHLAEMRKKPSEYDIVSRKLHYSTNNPDSPWELSPDSPMNLWYKQYRNASPLKHDNWDAFTDPDQLVY
RTYNLMQDGQESYVQSLFDQFNEREHDQMVREGWEHTMARCYSPLRYLFHCLQMSSAYVQQMAPASTISNCCILQTADSL
RWLTHTAYRTHELSLTYPDAGLGEHERELWEKEPGWQGLRELMEKQLTAFDWGEAFVSLNLVVKPMIVESIFKPLQQQAW
ENNDTLLPLLIDSQLKDAERHSRWSKALVKHALENPDNHAVIEGWIEKWRPLADRAAEAYLSMLSSD
;
B
3 'polypeptide(L)'
;MSAFPVHAAFEKDFLVQLVVVDLNDSMDQVAEKVAYHCVNRRVAPREGVMRVRKHRSTELFPRDMTIAESGLNPTEVIDV
VFEE
;
C
4 'polypeptide(L)'
;MSTLADQALHNNNVGPIIRAGDLVEPVIETAEIDNPGKEITVEDRRAYVRIAAEGELILTRKTLEEQLGRPFNMQELEIN
LASFAGQIQADEDQIRFYFDKTM
;
E
#
loop_
_chem_comp.id
_chem_comp.type
_chem_comp.name
_chem_comp.formula
1PE non-polymer 'PENTAETHYLENE GLYCOL' 'C10 H22 O6'
FE non-polymer 'FE (III) ION' 'Fe 3'
IPH non-polymer PHENOL 'C6 H6 O'
#
# COMPACT_ATOMS: atom_id res chain seq x y z
N ALA A 2 -31.97 -0.36 -24.57
CA ALA A 2 -31.90 -0.68 -23.15
C ALA A 2 -30.51 -1.22 -22.81
N MET A 3 -30.19 -1.23 -21.52
CA MET A 3 -28.93 -1.81 -21.04
C MET A 3 -29.25 -3.05 -20.20
N HIS A 4 -28.31 -3.99 -20.15
CA HIS A 4 -28.52 -5.19 -19.35
C HIS A 4 -27.72 -5.10 -18.07
N PRO A 5 -28.35 -5.49 -16.94
CA PRO A 5 -27.78 -5.32 -15.61
C PRO A 5 -26.51 -6.15 -15.43
N ARG A 6 -25.59 -5.62 -14.64
CA ARG A 6 -24.28 -6.23 -14.47
C ARG A 6 -24.34 -7.71 -14.07
N LYS A 7 -25.30 -8.06 -13.22
CA LYS A 7 -25.38 -9.44 -12.74
C LYS A 7 -25.56 -10.42 -13.88
N ASP A 8 -26.14 -9.95 -14.98
CA ASP A 8 -26.43 -10.84 -16.11
C ASP A 8 -25.20 -11.18 -16.96
N TRP A 9 -24.19 -10.33 -16.89
CA TRP A 9 -23.00 -10.51 -17.72
C TRP A 9 -21.69 -10.52 -16.92
N TYR A 10 -21.76 -10.28 -15.62
CA TYR A 10 -20.53 -10.18 -14.82
C TYR A 10 -19.67 -11.43 -14.88
N GLU A 11 -20.28 -12.61 -14.87
CA GLU A 11 -19.50 -13.84 -14.83
C GLU A 11 -18.55 -13.93 -16.02
N LEU A 12 -18.95 -13.38 -17.16
CA LEU A 12 -18.10 -13.46 -18.34
C LEU A 12 -16.86 -12.58 -18.20
N THR A 13 -16.98 -11.49 -17.45
CA THR A 13 -15.81 -10.63 -17.25
C THR A 13 -14.69 -11.38 -16.54
N ARG A 14 -15.04 -12.39 -15.75
CA ARG A 14 -14.04 -13.14 -14.98
C ARG A 14 -13.93 -14.61 -15.39
N ALA A 15 -14.52 -14.96 -16.53
CA ALA A 15 -14.31 -16.29 -17.10
C ALA A 15 -13.04 -16.24 -17.96
N THR A 16 -11.89 -16.24 -17.32
CA THR A 16 -10.63 -16.01 -18.03
C THR A 16 -9.56 -17.04 -17.73
N ASN A 17 -9.85 -17.99 -16.84
CA ASN A 17 -8.93 -19.09 -16.63
C ASN A 17 -9.01 -20.08 -17.78
N TRP A 18 -7.86 -20.64 -18.15
CA TRP A 18 -7.81 -21.70 -19.16
C TRP A 18 -6.67 -22.65 -18.82
N THR A 19 -6.69 -23.81 -19.45
CA THR A 19 -5.69 -24.85 -19.22
C THR A 19 -4.51 -24.67 -20.17
N PRO A 20 -3.35 -24.27 -19.63
CA PRO A 20 -2.19 -23.97 -20.48
C PRO A 20 -1.74 -25.25 -21.18
N SER A 21 -1.25 -25.10 -22.41
CA SER A 21 -0.82 -26.23 -23.20
C SER A 21 0.58 -26.04 -23.76
N TYR A 22 0.98 -24.79 -23.96
CA TYR A 22 2.24 -24.51 -24.63
C TYR A 22 3.36 -24.22 -23.65
N VAL A 23 2.98 -23.84 -22.44
CA VAL A 23 3.85 -23.86 -21.27
C VAL A 23 3.08 -24.57 -20.18
N THR A 24 3.75 -24.96 -19.11
CA THR A 24 3.08 -25.65 -18.00
C THR A 24 2.37 -24.64 -17.10
N GLU A 25 1.46 -25.14 -16.28
CA GLU A 25 0.74 -24.29 -15.34
C GLU A 25 1.75 -23.59 -14.42
N GLU A 26 2.76 -24.34 -13.98
CA GLU A 26 3.75 -23.81 -13.05
C GLU A 26 4.68 -22.78 -13.69
N GLN A 27 5.00 -22.95 -14.98
CA GLN A 27 5.73 -21.92 -15.72
C GLN A 27 4.92 -20.64 -15.84
N LEU A 28 3.62 -20.78 -16.07
CA LEU A 28 2.75 -19.62 -16.24
C LEU A 28 2.47 -18.93 -14.90
N PHE A 29 2.32 -19.74 -13.85
CA PHE A 29 2.10 -19.25 -12.49
C PHE A 29 3.15 -19.78 -11.50
N PRO A 30 4.41 -19.34 -11.65
CA PRO A 30 5.50 -19.79 -10.77
C PRO A 30 5.21 -19.52 -9.30
N GLU A 31 5.42 -20.52 -8.45
CA GLU A 31 5.07 -20.43 -7.04
C GLU A 31 5.70 -19.25 -6.32
N ARG A 32 6.94 -18.91 -6.68
CA ARG A 32 7.59 -17.76 -6.04
C ARG A 32 6.86 -16.44 -6.30
N MET A 33 6.15 -16.34 -7.43
CA MET A 33 5.41 -15.12 -7.75
C MET A 33 3.91 -15.23 -7.49
N SER A 34 3.39 -16.45 -7.62
CA SER A 34 1.96 -16.74 -7.50
C SER A 34 1.52 -17.17 -6.09
N GLY A 35 2.33 -18.01 -5.44
CA GLY A 35 2.02 -18.44 -4.07
C GLY A 35 0.74 -19.24 -3.93
N HIS A 36 0.38 -19.97 -4.98
CA HIS A 36 -0.84 -20.78 -4.99
C HIS A 36 -0.77 -21.98 -4.02
N MET A 37 0.40 -22.25 -3.47
CA MET A 37 0.58 -23.36 -2.53
C MET A 37 0.14 -24.72 -3.08
N GLY A 38 0.33 -24.92 -4.38
CA GLY A 38 0.02 -26.18 -5.02
C GLY A 38 -1.47 -26.39 -5.29
N ILE A 39 -2.30 -25.42 -4.91
CA ILE A 39 -3.72 -25.53 -5.17
C ILE A 39 -3.98 -25.41 -6.67
N PRO A 40 -4.68 -26.41 -7.25
CA PRO A 40 -4.90 -26.48 -8.69
C PRO A 40 -5.75 -25.33 -9.20
N LEU A 41 -5.46 -24.90 -10.43
CA LEU A 41 -6.18 -23.81 -11.09
C LEU A 41 -7.69 -23.86 -10.92
N GLU A 42 -8.26 -25.05 -11.07
CA GLU A 42 -9.72 -25.20 -11.02
C GLU A 42 -10.31 -24.77 -9.69
N LYS A 43 -9.56 -24.94 -8.60
CA LYS A 43 -10.07 -24.57 -7.27
C LYS A 43 -10.15 -23.05 -7.11
N TRP A 44 -9.36 -22.32 -7.88
CA TRP A 44 -9.31 -20.88 -7.74
C TRP A 44 -10.50 -20.20 -8.40
N GLU A 45 -11.25 -20.94 -9.21
CA GLU A 45 -12.39 -20.36 -9.90
C GLU A 45 -13.58 -20.10 -8.99
N SER A 46 -13.52 -20.66 -7.79
N SER A 46 -13.54 -20.65 -7.77
CA SER A 46 -14.57 -20.43 -6.79
CA SER A 46 -14.60 -20.42 -6.80
C SER A 46 -14.45 -19.05 -6.19
C SER A 46 -14.41 -19.08 -6.08
N TYR A 47 -13.28 -18.43 -6.33
CA TYR A 47 -13.00 -17.12 -5.76
C TYR A 47 -14.07 -16.12 -6.17
N ASP A 48 -14.73 -15.52 -5.18
CA ASP A 48 -15.82 -14.58 -5.45
C ASP A 48 -15.62 -13.25 -4.72
N GLU A 49 -15.04 -12.27 -5.40
CA GLU A 49 -14.87 -10.93 -4.86
C GLU A 49 -16.23 -10.36 -4.40
N PRO A 50 -16.35 -10.01 -3.12
CA PRO A 50 -17.65 -9.54 -2.64
C PRO A 50 -17.93 -8.04 -2.91
N TYR A 51 -16.93 -7.28 -3.31
CA TYR A 51 -17.14 -5.86 -3.60
C TYR A 51 -16.76 -5.63 -5.06
N LYS A 52 -17.72 -5.87 -5.95
CA LYS A 52 -17.46 -5.87 -7.39
C LYS A 52 -17.56 -4.46 -7.99
N THR A 53 -16.93 -4.26 -9.14
CA THR A 53 -17.21 -3.11 -9.99
C THR A 53 -16.86 -3.52 -11.42
N SER A 54 -17.10 -2.64 -12.38
CA SER A 54 -16.78 -2.93 -13.76
C SER A 54 -16.15 -1.69 -14.35
N TYR A 55 -15.44 -1.84 -15.46
CA TYR A 55 -14.66 -0.74 -16.01
C TYR A 55 -15.50 0.55 -16.25
N PRO A 56 -16.65 0.46 -16.94
CA PRO A 56 -17.38 1.71 -17.18
C PRO A 56 -17.84 2.37 -15.88
N GLU A 57 -18.19 1.58 -14.88
CA GLU A 57 -18.61 2.17 -13.62
C GLU A 57 -17.43 2.81 -12.91
N TYR A 58 -16.28 2.13 -12.99
CA TYR A 58 -15.08 2.60 -12.31
C TYR A 58 -14.63 3.99 -12.77
N VAL A 59 -14.47 4.18 -14.09
CA VAL A 59 -13.98 5.46 -14.59
C VAL A 59 -14.94 6.60 -14.26
N SER A 60 -16.24 6.32 -14.32
CA SER A 60 -17.25 7.32 -13.98
C SER A 60 -17.25 7.68 -12.49
N ILE A 61 -17.23 6.66 -11.63
CA ILE A 61 -17.26 6.91 -10.20
C ILE A 61 -15.95 7.57 -9.71
N GLN A 62 -14.81 7.08 -10.21
CA GLN A 62 -13.52 7.60 -9.78
C GLN A 62 -13.35 9.03 -10.28
N ARG A 63 -13.92 9.34 -11.45
CA ARG A 63 -13.94 10.70 -11.94
C ARG A 63 -14.61 11.61 -10.91
N GLU A 64 -15.75 11.15 -10.40
CA GLU A 64 -16.50 11.92 -9.43
C GLU A 64 -15.76 12.05 -8.10
N LYS A 65 -15.11 10.98 -7.64
CA LYS A 65 -14.33 11.05 -6.42
C LYS A 65 -13.25 12.13 -6.48
N ASP A 66 -12.48 12.15 -7.57
CA ASP A 66 -11.42 13.14 -7.71
C ASP A 66 -11.98 14.57 -7.85
N ALA A 67 -13.07 14.73 -8.58
CA ALA A 67 -13.61 16.08 -8.80
C ALA A 67 -13.87 16.74 -7.44
N GLY A 68 -14.48 15.99 -6.53
CA GLY A 68 -14.69 16.51 -5.20
C GLY A 68 -13.40 16.77 -4.43
N ALA A 69 -12.46 15.83 -4.46
CA ALA A 69 -11.23 16.01 -3.69
C ALA A 69 -10.51 17.28 -4.13
N TYR A 70 -10.38 17.46 -5.44
CA TYR A 70 -9.66 18.59 -6.00
C TYR A 70 -10.40 19.92 -5.82
N SER A 71 -11.72 19.89 -6.02
CA SER A 71 -12.57 21.07 -5.81
C SER A 71 -12.48 21.61 -4.40
N VAL A 72 -12.47 20.71 -3.43
CA VAL A 72 -12.38 21.12 -2.04
C VAL A 72 -11.01 21.78 -1.76
N LYS A 73 -9.94 21.14 -2.22
CA LYS A 73 -8.60 21.70 -2.06
C LYS A 73 -8.53 23.09 -2.68
N ALA A 74 -9.08 23.23 -3.88
CA ALA A 74 -9.06 24.52 -4.57
C ALA A 74 -9.81 25.58 -3.78
N ALA A 75 -10.98 25.21 -3.25
CA ALA A 75 -11.83 26.21 -2.59
C ALA A 75 -11.27 26.65 -1.26
N LEU A 76 -10.37 25.85 -0.68
CA LEU A 76 -9.84 26.15 0.64
C LEU A 76 -8.38 26.62 0.66
N GLU A 77 -7.81 26.90 -0.52
CA GLU A 77 -6.41 27.32 -0.55
C GLU A 77 -6.11 28.48 0.40
N ARG A 78 -7.09 29.36 0.61
CA ARG A 78 -6.86 30.57 1.37
C ARG A 78 -7.35 30.47 2.81
N ALA A 79 -7.57 29.24 3.29
CA ALA A 79 -8.11 29.04 4.63
C ALA A 79 -7.05 29.19 5.73
N LYS A 80 -5.81 29.49 5.34
CA LYS A 80 -4.75 29.77 6.33
C LYS A 80 -4.41 28.56 7.21
N ILE A 81 -4.65 27.36 6.71
CA ILE A 81 -4.30 26.16 7.47
C ILE A 81 -2.82 26.15 7.81
N TYR A 82 -1.96 26.26 6.79
CA TYR A 82 -0.52 26.22 7.03
C TYR A 82 -0.05 27.33 7.96
N GLU A 83 -0.59 28.54 7.76
CA GLU A 83 -0.18 29.71 8.51
C GLU A 83 -0.74 29.75 9.93
N ASN A 84 -1.99 29.36 10.10
CA ASN A 84 -2.66 29.44 11.39
C ASN A 84 -2.72 28.14 12.19
N SER A 85 -2.38 27.01 11.57
CA SER A 85 -2.45 25.75 12.28
C SER A 85 -1.35 25.65 13.33
N ASP A 86 -1.66 24.93 14.40
CA ASP A 86 -0.65 24.55 15.37
C ASP A 86 0.42 23.81 14.60
N PRO A 87 1.70 24.08 14.92
CA PRO A 87 2.79 23.43 14.17
C PRO A 87 2.79 21.91 14.36
N GLY A 88 2.21 21.43 15.46
CA GLY A 88 2.06 19.99 15.67
C GLY A 88 1.21 19.39 14.57
N TRP A 89 0.19 20.15 14.16
CA TRP A 89 -0.67 19.70 13.06
C TRP A 89 0.05 19.72 11.70
N ILE A 90 0.84 20.76 11.46
CA ILE A 90 1.65 20.79 10.23
C ILE A 90 2.64 19.62 10.16
N SER A 91 3.27 19.31 11.28
CA SER A 91 4.17 18.16 11.33
C SER A 91 3.43 16.86 11.07
N THR A 92 2.19 16.79 11.54
CA THR A 92 1.35 15.63 11.27
C THR A 92 1.18 15.44 9.75
N LEU A 93 0.91 16.54 9.06
CA LEU A 93 0.83 16.53 7.60
C LEU A 93 2.16 16.08 6.97
N LYS A 94 3.27 16.70 7.40
CA LYS A 94 4.58 16.35 6.87
C LYS A 94 4.88 14.85 7.02
N SER A 95 4.61 14.33 8.22
CA SER A 95 4.84 12.92 8.51
C SER A 95 3.96 12.04 7.62
N HIS A 96 2.66 12.33 7.61
CA HIS A 96 1.75 11.56 6.79
C HIS A 96 2.23 11.49 5.33
N TYR A 97 2.39 12.64 4.69
CA TYR A 97 2.70 12.64 3.26
C TYR A 97 4.02 11.96 2.92
N GLY A 98 5.05 12.21 3.72
CA GLY A 98 6.34 11.55 3.54
C GLY A 98 6.26 10.04 3.73
N ALA A 99 5.58 9.61 4.77
CA ALA A 99 5.53 8.18 5.11
C ALA A 99 4.61 7.40 4.19
N ILE A 100 3.77 8.11 3.43
CA ILE A 100 2.68 7.45 2.71
C ILE A 100 2.67 7.56 1.18
N ALA A 101 2.90 8.76 0.65
CA ALA A 101 2.72 9.00 -0.79
C ALA A 101 3.39 7.96 -1.69
N VAL A 102 4.69 7.78 -1.51
CA VAL A 102 5.43 6.90 -2.41
C VAL A 102 5.25 5.40 -2.05
N GLY A 103 4.81 5.12 -0.83
CA GLY A 103 4.42 3.76 -0.43
C GLY A 103 3.12 3.36 -1.12
N GLU A 104 2.21 4.32 -1.25
CA GLU A 104 0.97 4.13 -2.02
C GLU A 104 1.34 3.72 -3.45
N TYR A 105 2.28 4.46 -4.05
CA TYR A 105 2.69 4.14 -5.42
C TYR A 105 3.33 2.74 -5.48
N ALA A 106 4.09 2.39 -4.44
CA ALA A 106 4.60 1.02 -4.30
C ALA A 106 3.47 -0.02 -4.24
N ALA A 107 2.37 0.32 -3.58
CA ALA A 107 1.22 -0.59 -3.51
C ALA A 107 0.68 -1.00 -4.89
N VAL A 108 0.87 -0.14 -5.89
CA VAL A 108 0.51 -0.48 -7.26
C VAL A 108 1.15 -1.82 -7.65
N THR A 109 2.41 -2.01 -7.26
CA THR A 109 3.16 -3.24 -7.57
C THR A 109 2.62 -4.50 -6.88
N GLY A 110 2.21 -4.38 -5.62
CA GLY A 110 1.51 -5.47 -4.97
C GLY A 110 0.26 -5.86 -5.73
N GLU A 111 -0.53 -4.85 -6.11
CA GLU A 111 -1.73 -5.12 -6.88
C GLU A 111 -1.37 -5.71 -8.23
N GLY A 112 -0.33 -5.17 -8.85
CA GLY A 112 0.17 -5.71 -10.12
C GLY A 112 0.61 -7.16 -10.00
N ARG A 113 1.25 -7.50 -8.88
CA ARG A 113 1.68 -8.87 -8.67
C ARG A 113 0.48 -9.83 -8.71
N MET A 114 -0.61 -9.41 -8.08
CA MET A 114 -1.84 -10.22 -8.11
C MET A 114 -2.49 -10.24 -9.50
N ALA A 115 -2.54 -9.09 -10.17
CA ALA A 115 -3.14 -8.99 -11.51
C ALA A 115 -2.48 -9.93 -12.54
N ARG A 116 -1.16 -10.10 -12.43
CA ARG A 116 -0.46 -11.04 -13.30
C ARG A 116 -0.44 -12.49 -12.75
N PHE A 117 -0.24 -12.63 -11.45
CA PHE A 117 0.14 -13.94 -10.91
C PHE A 117 -0.86 -14.70 -10.06
N SER A 118 -2.00 -14.09 -9.72
CA SER A 118 -3.01 -14.86 -8.98
C SER A 118 -3.71 -15.82 -9.93
N LYS A 119 -3.95 -17.05 -9.47
CA LYS A 119 -4.72 -18.01 -10.25
C LYS A 119 -6.24 -17.76 -10.25
N ALA A 120 -6.69 -16.84 -9.40
CA ALA A 120 -8.11 -16.54 -9.31
C ALA A 120 -8.48 -15.39 -10.24
N PRO A 121 -9.33 -15.66 -11.24
CA PRO A 121 -9.74 -14.68 -12.25
C PRO A 121 -10.36 -13.39 -11.67
N GLY A 122 -11.22 -13.53 -10.66
CA GLY A 122 -11.81 -12.37 -10.02
C GLY A 122 -10.76 -11.51 -9.34
N ASN A 123 -9.77 -12.17 -8.75
CA ASN A 123 -8.66 -11.48 -8.10
C ASN A 123 -7.85 -10.67 -9.11
N ARG A 124 -7.58 -11.26 -10.28
CA ARG A 124 -6.80 -10.56 -11.31
C ARG A 124 -7.51 -9.31 -11.83
N ASN A 125 -8.85 -9.36 -11.93
CA ASN A 125 -9.63 -8.17 -12.33
C ASN A 125 -9.71 -7.12 -11.23
N MET A 126 -10.00 -7.55 -9.99
CA MET A 126 -10.11 -6.60 -8.90
C MET A 126 -8.74 -5.98 -8.60
N ALA A 127 -7.67 -6.74 -8.82
CA ALA A 127 -6.31 -6.24 -8.65
C ALA A 127 -5.99 -5.17 -9.70
N THR A 128 -6.64 -5.25 -10.86
CA THR A 128 -6.43 -4.26 -11.91
C THR A 128 -7.00 -2.92 -11.45
N PHE A 129 -8.21 -2.94 -10.88
CA PHE A 129 -8.74 -1.73 -10.26
C PHE A 129 -7.88 -1.30 -9.07
N GLY A 130 -7.37 -2.27 -8.32
CA GLY A 130 -6.45 -1.97 -7.23
C GLY A 130 -5.19 -1.23 -7.69
N MET A 131 -4.64 -1.63 -8.83
CA MET A 131 -3.50 -0.92 -9.40
C MET A 131 -3.86 0.53 -9.67
N MET A 132 -5.06 0.74 -10.21
CA MET A 132 -5.52 2.08 -10.55
C MET A 132 -5.74 2.91 -9.30
N ASP A 133 -6.35 2.29 -8.30
CA ASP A 133 -6.59 2.96 -7.03
C ASP A 133 -5.29 3.45 -6.40
N GLU A 134 -4.27 2.60 -6.34
CA GLU A 134 -3.05 3.01 -5.65
C GLU A 134 -2.32 4.08 -6.46
N LEU A 135 -2.47 4.02 -7.78
CA LEU A 135 -1.96 5.10 -8.62
C LEU A 135 -2.63 6.40 -8.19
N ARG A 136 -3.96 6.38 -8.11
CA ARG A 136 -4.71 7.53 -7.61
C ARG A 136 -4.11 8.04 -6.29
N HIS A 137 -3.92 7.12 -5.36
CA HIS A 137 -3.50 7.50 -4.02
C HIS A 137 -2.11 8.10 -3.99
N GLY A 138 -1.22 7.54 -4.78
CA GLY A 138 0.13 8.05 -4.86
C GLY A 138 0.14 9.44 -5.48
N GLN A 139 -0.68 9.63 -6.52
CA GLN A 139 -0.69 10.91 -7.22
C GLN A 139 -1.38 12.01 -6.41
N LEU A 140 -2.50 11.69 -5.76
CA LEU A 140 -3.14 12.62 -4.84
C LEU A 140 -2.15 13.10 -3.76
N GLN A 141 -1.40 12.17 -3.20
CA GLN A 141 -0.62 12.50 -2.01
C GLN A 141 0.76 13.05 -2.31
N LEU A 142 1.06 13.17 -3.60
CA LEU A 142 2.15 14.01 -4.06
C LEU A 142 1.55 15.38 -4.45
N PHE A 143 0.44 15.35 -5.17
CA PHE A 143 -0.14 16.60 -5.66
C PHE A 143 -0.50 17.57 -4.53
N PHE A 144 -1.11 17.03 -3.48
CA PHE A 144 -1.63 17.86 -2.39
C PHE A 144 -0.54 18.58 -1.60
N PRO A 145 0.53 17.87 -1.19
CA PRO A 145 1.55 18.60 -0.44
C PRO A 145 2.47 19.46 -1.31
N HIS A 146 2.42 19.27 -2.63
CA HIS A 146 3.37 19.95 -3.53
C HIS A 146 3.34 21.47 -3.37
N GLU A 147 2.17 22.06 -3.19
CA GLU A 147 2.08 23.52 -3.05
C GLU A 147 2.84 24.00 -1.83
N TYR A 148 3.08 23.11 -0.86
CA TYR A 148 3.78 23.54 0.36
C TYR A 148 5.32 23.50 0.26
N CYS A 149 5.83 22.93 -0.82
CA CYS A 149 7.27 22.94 -1.06
C CYS A 149 7.81 24.35 -0.91
N LYS A 150 7.17 25.32 -1.57
CA LYS A 150 7.66 26.70 -1.56
C LYS A 150 7.65 27.30 -0.15
N LYS A 151 6.99 26.66 0.79
CA LYS A 151 6.94 27.18 2.16
C LYS A 151 7.95 26.54 3.10
N ASP A 152 8.24 25.26 2.89
CA ASP A 152 8.98 24.50 3.88
C ASP A 152 9.65 23.31 3.21
N ARG A 153 10.98 23.25 3.27
CA ARG A 153 11.73 22.15 2.65
C ARG A 153 11.35 20.76 3.20
N GLN A 154 10.83 20.70 4.42
CA GLN A 154 10.40 19.41 4.94
C GLN A 154 9.29 18.78 4.10
N PHE A 155 8.51 19.60 3.40
CA PHE A 155 7.47 19.07 2.52
C PHE A 155 8.08 18.39 1.30
N ASP A 156 9.34 18.66 1.02
CA ASP A 156 10.01 17.97 -0.08
C ASP A 156 9.98 16.47 0.18
N TRP A 157 9.88 16.10 1.45
CA TRP A 157 9.96 14.69 1.82
C TRP A 157 8.73 13.87 1.44
N ALA A 158 7.65 14.55 1.06
CA ALA A 158 6.49 13.84 0.53
C ALA A 158 6.96 13.04 -0.67
N TRP A 159 7.91 13.62 -1.40
CA TRP A 159 8.53 12.90 -2.52
C TRP A 159 9.84 12.20 -2.12
N ARG A 160 10.67 12.86 -1.34
CA ARG A 160 12.04 12.35 -1.09
C ARG A 160 12.14 11.17 -0.12
N ALA A 161 11.22 11.06 0.82
CA ALA A 161 11.39 10.11 1.92
C ALA A 161 11.83 8.71 1.46
N TYR A 162 11.04 8.11 0.58
CA TYR A 162 11.31 6.75 0.15
C TYR A 162 12.60 6.61 -0.65
N HIS A 163 13.11 7.73 -1.14
CA HIS A 163 14.42 7.72 -1.81
C HIS A 163 15.57 7.84 -0.83
N SER A 164 15.27 7.93 0.46
CA SER A 164 16.28 8.23 1.47
C SER A 164 16.60 7.03 2.35
N ASN A 165 17.65 7.17 3.15
CA ASN A 165 18.01 6.19 4.16
C ASN A 165 17.71 6.68 5.56
N GLU A 166 16.82 7.67 5.64
CA GLU A 166 16.38 8.17 6.93
C GLU A 166 15.67 7.03 7.68
N TRP A 167 15.84 6.98 8.99
CA TRP A 167 15.47 5.77 9.74
C TRP A 167 14.01 5.40 9.61
N ALA A 168 13.12 6.39 9.58
CA ALA A 168 11.70 6.11 9.50
C ALA A 168 11.34 5.65 8.10
N ALA A 169 12.04 6.19 7.11
CA ALA A 169 11.84 5.78 5.73
C ALA A 169 12.27 4.33 5.53
N ILE A 170 13.35 3.95 6.21
CA ILE A 170 13.80 2.57 6.16
C ILE A 170 12.81 1.65 6.86
N ALA A 171 12.27 2.09 7.99
CA ALA A 171 11.24 1.32 8.66
C ALA A 171 10.01 1.17 7.78
N ALA A 172 9.62 2.23 7.08
CA ALA A 172 8.47 2.14 6.16
C ALA A 172 8.74 1.18 5.02
N LYS A 173 9.91 1.31 4.38
CA LYS A 173 10.27 0.48 3.24
C LYS A 173 10.49 -1.01 3.62
N HIS A 174 11.07 -1.25 4.78
CA HIS A 174 11.31 -2.63 5.23
C HIS A 174 9.95 -3.32 5.35
N PHE A 175 8.98 -2.61 5.91
CA PHE A 175 7.63 -3.13 6.05
C PHE A 175 6.90 -3.30 4.71
N PHE A 176 6.87 -2.25 3.90
CA PHE A 176 6.11 -2.32 2.65
C PHE A 176 6.77 -3.24 1.64
N ASP A 177 8.10 -3.28 1.62
CA ASP A 177 8.78 -4.21 0.74
C ASP A 177 8.53 -5.66 1.19
N ASP A 178 8.28 -5.85 2.49
CA ASP A 178 8.01 -7.20 3.00
C ASP A 178 6.58 -7.67 2.67
N ILE A 179 5.59 -6.80 2.87
CA ILE A 179 4.18 -7.21 2.71
C ILE A 179 3.54 -6.89 1.36
N ILE A 180 4.16 -5.97 0.63
CA ILE A 180 3.59 -5.49 -0.63
C ILE A 180 4.36 -5.94 -1.87
N THR A 181 5.65 -5.61 -1.92
CA THR A 181 6.43 -5.77 -3.15
C THR A 181 7.36 -6.98 -3.13
N GLY A 182 7.53 -7.58 -1.95
CA GLY A 182 8.56 -8.58 -1.76
C GLY A 182 8.09 -10.02 -1.73
N ARG A 183 6.79 -10.26 -1.95
CA ARG A 183 6.24 -11.61 -1.84
C ARG A 183 5.28 -11.98 -2.95
N ASP A 184 4.92 -13.26 -2.98
CA ASP A 184 3.99 -13.80 -3.97
C ASP A 184 2.59 -13.21 -3.87
N ALA A 185 1.82 -13.39 -4.94
CA ALA A 185 0.50 -12.79 -5.07
C ALA A 185 -0.44 -13.17 -3.92
N ILE A 186 -0.45 -14.45 -3.53
CA ILE A 186 -1.30 -14.87 -2.42
C ILE A 186 -0.89 -14.22 -1.11
N SER A 187 0.41 -14.16 -0.82
CA SER A 187 0.88 -13.41 0.34
C SER A 187 0.48 -11.94 0.31
N VAL A 188 0.56 -11.31 -0.85
CA VAL A 188 0.06 -9.95 -0.99
C VAL A 188 -1.44 -9.87 -0.63
N ALA A 189 -2.24 -10.77 -1.18
CA ALA A 189 -3.68 -10.77 -0.89
C ALA A 189 -3.96 -10.84 0.60
N ILE A 190 -3.23 -11.70 1.31
CA ILE A 190 -3.45 -11.90 2.73
C ILE A 190 -2.83 -10.81 3.62
N MET A 191 -1.57 -10.50 3.36
CA MET A 191 -0.83 -9.55 4.19
C MET A 191 -1.18 -8.11 3.88
N LEU A 192 -1.34 -7.81 2.60
CA LEU A 192 -1.68 -6.43 2.23
C LEU A 192 -3.19 -6.20 2.24
N THR A 193 -3.94 -6.86 1.35
CA THR A 193 -5.33 -6.47 1.18
C THR A 193 -6.18 -6.83 2.41
N PHE A 194 -5.98 -8.01 2.97
CA PHE A 194 -6.70 -8.35 4.18
C PHE A 194 -6.17 -7.71 5.47
N SER A 195 -4.92 -8.02 5.81
CA SER A 195 -4.39 -7.61 7.11
C SER A 195 -4.15 -6.10 7.23
N PHE A 196 -3.34 -5.55 6.35
CA PHE A 196 -3.00 -4.12 6.44
C PHE A 196 -4.20 -3.24 6.05
N GLU A 197 -4.85 -3.60 4.95
CA GLU A 197 -5.83 -2.70 4.33
C GLU A 197 -7.27 -2.78 4.91
N THR A 198 -7.64 -3.89 5.55
CA THR A 198 -8.91 -3.88 6.29
C THR A 198 -8.62 -3.71 7.76
N GLY A 199 -7.36 -3.92 8.12
CA GLY A 199 -6.95 -3.82 9.50
C GLY A 199 -6.54 -2.42 9.93
N PHE A 200 -5.37 -1.99 9.49
CA PHE A 200 -4.74 -0.81 10.04
C PHE A 200 -4.98 0.52 9.34
N THR A 201 -5.11 0.53 8.02
CA THR A 201 -5.16 1.82 7.32
C THR A 201 -6.33 2.69 7.77
N ASN A 202 -7.40 2.08 8.28
CA ASN A 202 -8.51 2.86 8.81
C ASN A 202 -8.05 3.84 9.90
N MET A 203 -7.03 3.44 10.67
CA MET A 203 -6.47 4.29 11.73
C MET A 203 -5.92 5.60 11.16
N GLN A 204 -5.18 5.51 10.07
CA GLN A 204 -4.50 6.68 9.50
C GLN A 204 -5.41 7.46 8.54
N PHE A 205 -6.31 6.77 7.86
CA PHE A 205 -7.12 7.44 6.85
C PHE A 205 -8.51 7.84 7.32
N LEU A 206 -8.93 7.31 8.47
CA LEU A 206 -10.21 7.70 9.04
C LEU A 206 -10.09 8.18 10.48
N GLY A 207 -9.33 7.46 11.31
CA GLY A 207 -9.09 7.92 12.67
C GLY A 207 -8.45 9.31 12.61
N LEU A 208 -7.39 9.44 11.82
CA LEU A 208 -6.72 10.73 11.69
C LEU A 208 -7.63 11.76 11.03
N ALA A 209 -8.53 11.31 10.16
CA ALA A 209 -9.45 12.25 9.52
C ALA A 209 -10.33 12.91 10.57
N ALA A 210 -10.77 12.15 11.57
CA ALA A 210 -11.57 12.72 12.65
C ALA A 210 -10.81 13.84 13.33
N ASP A 211 -9.53 13.60 13.63
CA ASP A 211 -8.71 14.64 14.24
C ASP A 211 -8.56 15.83 13.29
N ALA A 212 -8.36 15.54 12.01
CA ALA A 212 -8.23 16.60 11.01
C ALA A 212 -9.48 17.48 10.94
N ALA A 213 -10.66 16.87 11.03
CA ALA A 213 -11.89 17.64 11.01
C ALA A 213 -12.01 18.49 12.27
N GLU A 214 -11.61 17.93 13.41
CA GLU A 214 -11.61 18.70 14.66
C GLU A 214 -10.67 19.90 14.54
N ALA A 215 -9.53 19.69 13.88
CA ALA A 215 -8.55 20.77 13.69
C ALA A 215 -8.93 21.74 12.58
N GLY A 216 -10.06 21.49 11.92
CA GLY A 216 -10.53 22.40 10.89
C GLY A 216 -9.77 22.31 9.58
N ASP A 217 -9.11 21.18 9.34
CA ASP A 217 -8.39 20.95 8.09
C ASP A 217 -9.19 20.04 7.18
N TYR A 218 -10.21 20.60 6.54
CA TYR A 218 -11.12 19.83 5.71
C TYR A 218 -10.53 19.35 4.39
N THR A 219 -9.55 20.07 3.87
CA THR A 219 -8.87 19.62 2.66
C THR A 219 -8.28 18.24 2.90
N PHE A 220 -7.61 18.09 4.04
CA PHE A 220 -6.93 16.85 4.34
C PHE A 220 -7.92 15.74 4.75
N ALA A 221 -8.84 16.06 5.67
CA ALA A 221 -9.83 15.09 6.12
C ALA A 221 -10.65 14.57 4.94
N ASN A 222 -11.09 15.49 4.09
CA ASN A 222 -11.83 15.11 2.89
C ASN A 222 -11.01 14.23 1.95
N LEU A 223 -9.72 14.56 1.81
CA LEU A 223 -8.84 13.80 0.94
C LEU A 223 -8.70 12.35 1.41
N ILE A 224 -8.25 12.17 2.65
CA ILE A 224 -7.91 10.83 3.11
C ILE A 224 -9.16 9.94 3.27
N SER A 225 -10.30 10.53 3.64
CA SER A 225 -11.54 9.75 3.74
C SER A 225 -12.01 9.31 2.35
N SER A 226 -11.82 10.15 1.33
CA SER A 226 -12.11 9.73 -0.04
C SER A 226 -11.19 8.59 -0.49
N ILE A 227 -9.91 8.73 -0.20
CA ILE A 227 -8.97 7.66 -0.50
C ILE A 227 -9.43 6.32 0.10
N GLN A 228 -9.93 6.35 1.33
CA GLN A 228 -10.30 5.10 2.03
C GLN A 228 -11.50 4.40 1.41
N THR A 229 -12.34 5.14 0.68
CA THR A 229 -13.43 4.51 -0.08
C THR A 229 -12.90 3.57 -1.14
N ASP A 230 -11.72 3.86 -1.70
CA ASP A 230 -11.10 2.93 -2.63
C ASP A 230 -10.58 1.71 -1.87
N GLU A 231 -9.90 2.00 -0.76
CA GLU A 231 -9.35 0.93 0.06
C GLU A 231 -10.43 -0.08 0.38
N SER A 232 -11.60 0.43 0.76
CA SER A 232 -12.68 -0.46 1.21
C SER A 232 -13.09 -1.46 0.15
N ARG A 233 -12.93 -1.08 -1.12
CA ARG A 233 -13.27 -1.96 -2.22
C ARG A 233 -12.15 -2.94 -2.51
N HIS A 234 -10.96 -2.44 -2.84
CA HIS A 234 -9.90 -3.38 -3.22
C HIS A 234 -9.38 -4.21 -2.06
N ALA A 235 -9.54 -3.73 -0.83
CA ALA A 235 -9.14 -4.56 0.33
C ALA A 235 -9.94 -5.86 0.40
N GLN A 236 -11.10 -5.88 -0.26
CA GLN A 236 -11.98 -7.05 -0.20
C GLN A 236 -11.50 -8.19 -1.09
N GLN A 237 -10.29 -8.06 -1.62
CA GLN A 237 -9.65 -9.18 -2.32
C GLN A 237 -9.07 -10.19 -1.32
N GLY A 238 -8.82 -9.74 -0.09
CA GLY A 238 -8.16 -10.59 0.90
C GLY A 238 -9.02 -11.70 1.46
N GLY A 239 -10.23 -11.35 1.88
CA GLY A 239 -11.14 -12.31 2.50
C GLY A 239 -11.40 -13.58 1.69
N PRO A 240 -11.75 -13.42 0.42
CA PRO A 240 -12.00 -14.60 -0.43
C PRO A 240 -10.76 -15.48 -0.66
N ALA A 241 -9.57 -14.90 -0.71
CA ALA A 241 -8.35 -15.70 -0.82
C ALA A 241 -8.18 -16.51 0.44
N LEU A 242 -8.41 -15.86 1.59
N LEU A 242 -8.41 -15.84 1.58
CA LEU A 242 -8.28 -16.55 2.88
CA LEU A 242 -8.33 -16.47 2.89
C LEU A 242 -9.28 -17.69 3.01
C LEU A 242 -9.27 -17.67 2.97
N GLN A 243 -10.51 -17.45 2.55
CA GLN A 243 -11.53 -18.49 2.63
C GLN A 243 -11.14 -19.66 1.75
N LEU A 244 -10.62 -19.37 0.56
CA LEU A 244 -10.17 -20.40 -0.36
C LEU A 244 -9.03 -21.23 0.23
N LEU A 245 -8.04 -20.57 0.82
CA LEU A 245 -6.94 -21.28 1.46
C LEU A 245 -7.47 -22.23 2.54
N ILE A 246 -8.34 -21.71 3.39
CA ILE A 246 -8.88 -22.55 4.47
C ILE A 246 -9.62 -23.77 3.93
N GLU A 247 -10.45 -23.56 2.92
CA GLU A 247 -11.19 -24.65 2.28
C GLU A 247 -10.26 -25.68 1.65
N ASN A 248 -9.04 -25.26 1.32
CA ASN A 248 -8.12 -26.17 0.63
C ASN A 248 -6.96 -26.65 1.51
N GLY A 249 -7.19 -26.64 2.81
CA GLY A 249 -6.26 -27.24 3.75
C GLY A 249 -5.06 -26.39 4.12
N LYS A 250 -5.14 -25.09 3.89
CA LYS A 250 -4.01 -24.20 4.15
C LYS A 250 -4.33 -23.19 5.23
N ARG A 251 -5.18 -23.55 6.19
CA ARG A 251 -5.51 -22.62 7.26
C ARG A 251 -4.28 -22.22 8.08
N GLU A 252 -3.44 -23.18 8.46
CA GLU A 252 -2.25 -22.85 9.25
C GLU A 252 -1.37 -21.82 8.53
N GLU A 253 -1.13 -22.04 7.24
CA GLU A 253 -0.34 -21.11 6.44
C GLU A 253 -0.99 -19.73 6.39
N ALA A 254 -2.31 -19.70 6.23
CA ALA A 254 -3.05 -18.45 6.17
C ALA A 254 -2.97 -17.69 7.50
N GLN A 255 -3.15 -18.42 8.60
CA GLN A 255 -3.14 -17.80 9.91
C GLN A 255 -1.78 -17.16 10.16
N LYS A 256 -0.71 -17.88 9.80
CA LYS A 256 0.65 -17.38 10.01
C LYS A 256 0.88 -16.07 9.29
N LYS A 257 0.37 -15.96 8.06
CA LYS A 257 0.58 -14.78 7.24
C LYS A 257 -0.12 -13.57 7.84
N VAL A 258 -1.36 -13.77 8.25
CA VAL A 258 -2.11 -12.75 8.96
C VAL A 258 -1.42 -12.33 10.25
N ASP A 259 -1.03 -13.31 11.08
CA ASP A 259 -0.37 -13.02 12.35
C ASP A 259 0.88 -12.16 12.11
N MET A 260 1.69 -12.52 11.13
N MET A 260 1.68 -12.55 11.13
CA MET A 260 2.88 -11.76 10.82
CA MET A 260 2.88 -11.81 10.74
C MET A 260 2.56 -10.32 10.35
C MET A 260 2.59 -10.36 10.32
N ALA A 261 1.66 -10.21 9.38
CA ALA A 261 1.36 -8.90 8.80
C ALA A 261 0.78 -7.90 9.80
N ILE A 262 -0.09 -8.39 10.68
CA ILE A 262 -0.71 -7.55 11.70
C ILE A 262 0.32 -6.99 12.69
N TRP A 263 1.22 -7.84 13.17
CA TRP A 263 2.26 -7.34 14.07
C TRP A 263 3.20 -6.38 13.37
N ARG A 264 3.58 -6.69 12.14
CA ARG A 264 4.49 -5.81 11.41
C ARG A 264 3.86 -4.42 11.21
N ALA A 265 2.59 -4.40 10.83
CA ALA A 265 1.86 -3.15 10.64
C ALA A 265 1.72 -2.41 11.95
N TRP A 266 1.48 -3.16 13.03
CA TRP A 266 1.28 -2.56 14.34
C TRP A 266 2.48 -1.71 14.77
N ARG A 267 3.68 -2.27 14.66
CA ARG A 267 4.87 -1.55 15.11
C ARG A 267 5.08 -0.26 14.32
N LEU A 268 4.87 -0.32 13.01
CA LEU A 268 4.96 0.90 12.19
C LEU A 268 3.91 1.93 12.56
N PHE A 269 2.66 1.52 12.72
CA PHE A 269 1.62 2.47 13.11
C PHE A 269 1.84 3.06 14.49
N ALA A 270 2.41 2.25 15.39
CA ALA A 270 2.72 2.72 16.73
C ALA A 270 3.73 3.88 16.72
N VAL A 271 4.67 3.87 15.78
CA VAL A 271 5.71 4.91 15.77
C VAL A 271 5.29 6.19 15.03
N LEU A 272 4.38 6.04 14.07
N LEU A 272 4.39 6.04 14.07
CA LEU A 272 3.96 7.17 13.24
CA LEU A 272 3.95 7.17 13.24
C LEU A 272 2.59 7.75 13.63
C LEU A 272 2.60 7.74 13.68
N THR A 273 1.59 6.89 13.75
CA THR A 273 0.23 7.33 14.08
C THR A 273 0.05 7.56 15.58
N GLY A 274 0.72 6.74 16.39
CA GLY A 274 0.61 6.87 17.84
C GLY A 274 0.97 8.26 18.33
N PRO A 275 2.16 8.74 17.96
CA PRO A 275 2.59 10.06 18.41
C PRO A 275 1.68 11.15 17.82
N VAL A 276 1.22 10.94 16.59
CA VAL A 276 0.35 11.94 15.97
C VAL A 276 -0.91 12.11 16.80
N MET A 277 -1.51 10.99 17.16
CA MET A 277 -2.82 11.04 17.78
C MET A 277 -2.80 11.49 19.23
N ASP A 278 -1.74 11.16 19.96
CA ASP A 278 -1.70 11.45 21.39
C ASP A 278 -0.80 12.63 21.75
N TYR A 279 -0.03 13.13 20.80
CA TYR A 279 0.91 14.21 21.09
C TYR A 279 0.95 15.37 20.09
N TYR A 280 1.09 15.07 18.78
CA TYR A 280 1.21 16.16 17.80
C TYR A 280 -0.12 16.87 17.59
N THR A 281 -1.18 16.08 17.48
CA THR A 281 -2.51 16.63 17.32
C THR A 281 -2.87 17.49 18.54
N PRO A 282 -3.25 18.77 18.32
CA PRO A 282 -3.58 19.59 19.49
C PRO A 282 -4.63 18.91 20.38
N LEU A 283 -4.43 19.00 21.70
CA LEU A 283 -5.32 18.36 22.66
C LEU A 283 -6.80 18.56 22.34
N GLU A 284 -7.19 19.79 21.94
CA GLU A 284 -8.60 20.08 21.71
C GLU A 284 -9.11 19.36 20.49
N ASP A 285 -8.19 18.80 19.71
CA ASP A 285 -8.53 18.14 18.45
C ASP A 285 -8.44 16.62 18.51
N ARG A 286 -8.16 16.09 19.71
CA ARG A 286 -8.06 14.65 19.88
C ARG A 286 -9.44 14.01 20.03
N SER A 287 -10.03 13.62 18.90
CA SER A 287 -11.37 13.01 18.90
C SER A 287 -11.44 11.82 19.86
N GLN A 288 -10.41 10.98 19.81
CA GLN A 288 -10.24 9.89 20.76
C GLN A 288 -8.75 9.66 20.93
N SER A 289 -8.35 8.97 21.98
CA SER A 289 -6.93 8.61 22.13
C SER A 289 -6.56 7.54 21.11
N PHE A 290 -5.25 7.39 20.88
CA PHE A 290 -4.73 6.32 20.03
C PHE A 290 -5.28 4.96 20.47
N LYS A 291 -5.22 4.66 21.76
CA LYS A 291 -5.75 3.38 22.25
C LYS A 291 -7.23 3.24 21.93
N GLU A 292 -7.99 4.32 22.15
CA GLU A 292 -9.42 4.29 21.88
C GLU A 292 -9.70 3.97 20.41
N PHE A 293 -8.98 4.63 19.50
CA PHE A 293 -9.13 4.33 18.08
C PHE A 293 -8.73 2.89 17.78
N MET A 294 -7.62 2.43 18.38
CA MET A 294 -7.23 1.02 18.24
C MET A 294 -8.39 0.09 18.64
N TYR A 295 -9.05 0.40 19.75
CA TYR A 295 -10.11 -0.48 20.23
C TYR A 295 -11.33 -0.45 19.31
N GLU A 296 -11.54 0.68 18.66
CA GLU A 296 -12.63 0.81 17.71
C GLU A 296 -12.31 0.05 16.42
N TRP A 297 -11.16 0.36 15.83
CA TRP A 297 -10.83 -0.08 14.48
C TRP A 297 -10.19 -1.48 14.41
N ILE A 298 -9.19 -1.72 15.24
CA ILE A 298 -8.48 -3.00 15.20
C ILE A 298 -9.19 -4.10 16.00
N ILE A 299 -9.54 -3.80 17.24
CA ILE A 299 -10.16 -4.82 18.09
C ILE A 299 -11.64 -4.96 17.77
N GLY A 300 -12.39 -3.86 17.86
CA GLY A 300 -13.82 -3.93 17.67
C GLY A 300 -14.24 -4.30 16.26
N GLN A 301 -13.55 -3.74 15.27
CA GLN A 301 -13.91 -4.00 13.88
C GLN A 301 -13.05 -5.09 13.25
N PHE A 302 -11.74 -4.85 13.10
CA PHE A 302 -10.92 -5.81 12.37
C PHE A 302 -10.88 -7.22 12.98
N GLU A 303 -10.54 -7.33 14.24
CA GLU A 303 -10.43 -8.66 14.86
C GLU A 303 -11.75 -9.43 14.79
N ARG A 304 -12.85 -8.72 15.00
CA ARG A 304 -14.16 -9.35 14.92
C ARG A 304 -14.43 -9.90 13.51
N SER A 305 -13.99 -9.16 12.49
CA SER A 305 -14.13 -9.60 11.11
C SER A 305 -13.23 -10.83 10.86
N LEU A 306 -12.04 -10.82 11.43
CA LEU A 306 -11.09 -11.93 11.30
C LEU A 306 -11.71 -13.23 11.85
N ILE A 307 -12.33 -13.11 13.01
CA ILE A 307 -12.99 -14.25 13.62
C ILE A 307 -14.18 -14.70 12.77
N ASP A 308 -14.91 -13.74 12.18
CA ASP A 308 -16.07 -14.11 11.38
C ASP A 308 -15.69 -14.94 10.17
N LEU A 309 -14.50 -14.69 9.61
CA LEU A 309 -14.04 -15.43 8.46
C LEU A 309 -13.51 -16.81 8.81
N GLY A 310 -13.32 -17.07 10.11
CA GLY A 310 -12.95 -18.41 10.54
C GLY A 310 -11.51 -18.56 10.96
N LEU A 311 -10.79 -17.46 11.08
CA LEU A 311 -9.44 -17.49 11.65
C LEU A 311 -9.50 -17.27 13.16
N ASP A 312 -8.35 -17.41 13.82
CA ASP A 312 -8.28 -17.23 15.27
C ASP A 312 -7.59 -15.93 15.64
N LYS A 313 -7.89 -15.43 16.84
CA LYS A 313 -7.11 -14.34 17.42
C LYS A 313 -5.66 -14.73 17.32
N PRO A 314 -4.78 -13.74 17.10
CA PRO A 314 -3.36 -14.06 16.99
C PRO A 314 -2.82 -14.62 18.30
N TRP A 315 -1.85 -15.51 18.20
CA TRP A 315 -1.23 -16.11 19.37
C TRP A 315 -0.67 -15.06 20.32
N TYR A 316 -0.28 -13.90 19.79
CA TYR A 316 0.34 -12.87 20.62
C TYR A 316 -0.68 -11.87 21.17
N TRP A 317 -1.94 -12.24 21.15
CA TRP A 317 -3.03 -11.34 21.55
C TRP A 317 -2.75 -10.52 22.81
N ASP A 318 -2.40 -11.19 23.89
CA ASP A 318 -2.23 -10.50 25.16
C ASP A 318 -1.03 -9.54 25.14
N LEU A 319 0.03 -9.93 24.42
CA LEU A 319 1.19 -9.05 24.24
C LEU A 319 0.78 -7.81 23.46
N PHE A 320 -0.10 -8.00 22.49
CA PHE A 320 -0.52 -6.92 21.62
C PHE A 320 -1.30 -5.89 22.45
N LEU A 321 -2.19 -6.38 23.31
CA LEU A 321 -2.99 -5.51 24.16
C LEU A 321 -2.14 -4.68 25.12
N LYS A 322 -1.14 -5.33 25.73
CA LYS A 322 -0.20 -4.63 26.60
C LYS A 322 0.56 -3.58 25.80
N ASP A 323 0.95 -3.94 24.58
CA ASP A 323 1.71 -3.04 23.70
C ASP A 323 0.89 -1.78 23.36
N ILE A 324 -0.41 -1.95 23.15
CA ILE A 324 -1.27 -0.80 22.85
C ILE A 324 -1.25 0.21 24.00
N ASP A 325 -1.11 -0.28 25.22
CA ASP A 325 -1.09 0.58 26.40
C ASP A 325 0.21 1.33 26.53
N GLU A 326 1.27 0.80 25.92
CA GLU A 326 2.62 1.19 26.30
C GLU A 326 3.53 1.70 25.18
N LEU A 327 3.57 0.96 24.07
CA LEU A 327 4.60 1.14 23.06
C LEU A 327 4.72 2.56 22.49
N HIS A 328 3.62 3.13 22.03
CA HIS A 328 3.67 4.40 21.32
C HIS A 328 4.13 5.54 22.23
N HIS A 329 3.95 5.39 23.54
CA HIS A 329 4.40 6.42 24.46
C HIS A 329 5.91 6.52 24.44
N SER A 330 6.56 5.37 24.33
CA SER A 330 8.02 5.30 24.26
C SER A 330 8.53 5.69 22.88
N TYR A 331 7.87 5.18 21.85
CA TYR A 331 8.19 5.58 20.48
C TYR A 331 8.13 7.10 20.34
N HIS A 332 7.07 7.71 20.87
CA HIS A 332 6.93 9.17 20.81
C HIS A 332 8.10 9.86 21.50
N MET A 333 8.37 9.47 22.74
CA MET A 333 9.47 10.01 23.51
C MET A 333 10.80 9.98 22.73
N GLY A 334 11.05 8.87 22.05
CA GLY A 334 12.28 8.70 21.29
C GLY A 334 12.31 9.48 19.99
N VAL A 335 11.18 9.50 19.28
CA VAL A 335 11.11 10.27 18.05
C VAL A 335 11.38 11.73 18.35
N TRP A 336 10.85 12.22 19.48
CA TRP A 336 11.07 13.60 19.89
C TRP A 336 12.51 13.88 20.39
N TYR A 337 13.05 13.01 21.25
CA TYR A 337 14.41 13.24 21.75
C TYR A 337 15.40 13.24 20.58
N TRP A 338 15.20 12.32 19.64
CA TRP A 338 16.02 12.25 18.44
C TRP A 338 15.37 13.01 17.27
N ARG A 339 14.58 14.03 17.58
CA ARG A 339 13.83 14.79 16.58
C ARG A 339 14.67 15.20 15.37
N THR A 340 15.96 15.41 15.58
CA THR A 340 16.82 15.90 14.51
C THR A 340 17.03 14.91 13.36
N THR A 341 16.71 13.63 13.60
CA THR A 341 16.78 12.63 12.54
C THR A 341 15.46 12.43 11.79
N ALA A 342 14.43 13.19 12.18
CA ALA A 342 13.13 13.13 11.50
C ALA A 342 12.99 14.25 10.49
N TRP A 343 12.07 14.11 9.55
CA TRP A 343 11.85 15.17 8.56
C TRP A 343 10.60 16.01 8.91
N TRP A 344 10.05 15.78 10.10
CA TRP A 344 8.97 16.61 10.62
C TRP A 344 9.41 17.14 11.99
N ASN A 345 8.66 18.10 12.52
CA ASN A 345 8.98 18.68 13.81
C ASN A 345 8.07 18.12 14.89
N PRO A 346 8.56 17.13 15.66
CA PRO A 346 7.67 16.51 16.65
C PRO A 346 7.29 17.52 17.75
N ALA A 347 6.05 17.47 18.22
CA ALA A 347 5.67 18.23 19.41
C ALA A 347 5.82 17.34 20.64
N ALA A 348 6.32 17.91 21.73
CA ALA A 348 6.52 17.13 22.94
C ALA A 348 5.17 16.69 23.51
N GLY A 349 4.24 17.62 23.56
CA GLY A 349 2.88 17.33 23.99
C GLY A 349 2.76 16.93 25.46
N VAL A 350 3.56 17.56 26.31
CA VAL A 350 3.52 17.29 27.74
C VAL A 350 3.30 18.54 28.59
N THR A 351 2.46 19.46 28.11
CA THR A 351 2.06 20.56 28.96
C THR A 351 1.23 19.96 30.08
N PRO A 352 1.16 20.66 31.22
CA PRO A 352 0.39 20.10 32.33
C PRO A 352 -1.00 19.64 31.89
N GLU A 353 -1.66 20.46 31.08
CA GLU A 353 -3.02 20.14 30.62
C GLU A 353 -3.04 18.83 29.83
N GLU A 354 -2.01 18.62 29.01
CA GLU A 354 -1.89 17.41 28.21
C GLU A 354 -1.53 16.19 29.07
N ARG A 355 -0.75 16.41 30.11
CA ARG A 355 -0.34 15.29 30.95
C ARG A 355 -1.53 14.76 31.74
N ASP A 356 -2.47 15.64 32.04
CA ASP A 356 -3.70 15.24 32.72
C ASP A 356 -4.55 14.36 31.80
N TRP A 357 -4.58 14.73 30.52
CA TRP A 357 -5.33 13.97 29.53
C TRP A 357 -4.71 12.58 29.39
N LEU A 358 -3.38 12.56 29.29
CA LEU A 358 -2.65 11.30 29.20
C LEU A 358 -2.90 10.40 30.41
N GLU A 359 -2.90 11.00 31.61
CA GLU A 359 -3.12 10.22 32.83
C GLU A 359 -4.51 9.61 32.80
N GLU A 360 -5.47 10.39 32.32
CA GLU A 360 -6.84 9.92 32.21
C GLU A 360 -6.98 8.82 31.16
N LYS A 361 -6.27 8.96 30.04
CA LYS A 361 -6.37 7.95 28.98
C LYS A 361 -5.47 6.75 29.25
N TYR A 362 -4.45 6.94 30.07
CA TYR A 362 -3.48 5.89 30.34
C TYR A 362 -3.03 5.95 31.79
N PRO A 363 -3.89 5.49 32.70
CA PRO A 363 -3.58 5.58 34.13
C PRO A 363 -2.16 5.09 34.38
N GLY A 364 -1.38 5.87 35.14
CA GLY A 364 -0.03 5.49 35.49
C GLY A 364 1.02 6.14 34.61
N TRP A 365 0.58 6.88 33.60
CA TRP A 365 1.47 7.54 32.65
C TRP A 365 2.51 8.41 33.33
N ASN A 366 2.07 9.26 34.24
CA ASN A 366 2.97 10.19 34.89
C ASN A 366 4.07 9.55 35.72
N LYS A 367 3.77 8.38 36.28
CA LYS A 367 4.76 7.67 37.10
C LYS A 367 5.72 6.87 36.23
N ARG A 368 5.50 6.90 34.92
CA ARG A 368 6.34 6.16 33.99
C ARG A 368 7.02 7.11 33.02
N TRP A 369 6.40 7.35 31.87
CA TRP A 369 6.95 8.30 30.91
C TRP A 369 7.05 9.69 31.51
N GLY A 370 6.08 10.04 32.35
CA GLY A 370 6.10 11.32 33.04
C GLY A 370 7.42 11.57 33.78
N ARG A 371 8.07 10.50 34.22
CA ARG A 371 9.35 10.63 34.93
C ARG A 371 10.44 11.16 34.01
N CYS A 372 10.50 10.66 32.78
CA CYS A 372 11.47 11.15 31.80
C CYS A 372 11.14 12.56 31.34
N TRP A 373 9.85 12.83 31.18
CA TRP A 373 9.44 14.17 30.75
C TRP A 373 9.71 15.20 31.82
N ASP A 374 9.67 14.79 33.07
CA ASP A 374 10.03 15.69 34.16
C ASP A 374 11.47 16.16 34.00
N VAL A 375 12.38 15.23 33.76
CA VAL A 375 13.79 15.56 33.58
C VAL A 375 13.98 16.48 32.36
N ILE A 376 13.39 16.10 31.24
CA ILE A 376 13.45 16.90 30.02
C ILE A 376 12.91 18.32 30.28
N THR A 377 11.75 18.39 30.91
CA THR A 377 11.14 19.67 31.22
C THR A 377 12.03 20.56 32.11
N GLU A 378 12.59 19.98 33.18
CA GLU A 378 13.47 20.73 34.07
C GLU A 378 14.65 21.32 33.31
N ASN A 379 15.24 20.53 32.43
CA ASN A 379 16.36 21.01 31.64
C ASN A 379 15.94 22.19 30.77
N VAL A 380 14.79 22.05 30.13
CA VAL A 380 14.28 23.12 29.25
C VAL A 380 14.09 24.43 30.02
N LEU A 381 13.51 24.33 31.21
CA LEU A 381 13.24 25.50 32.04
C LEU A 381 14.53 26.13 32.56
N ASN A 382 15.61 25.35 32.55
CA ASN A 382 16.90 25.85 33.00
C ASN A 382 17.89 26.08 31.87
N ASP A 383 17.36 26.09 30.64
CA ASP A 383 18.19 26.36 29.46
C ASP A 383 19.40 25.43 29.35
N ARG A 384 19.25 24.22 29.88
CA ARG A 384 20.27 23.19 29.72
C ARG A 384 19.93 22.39 28.46
N MET A 385 19.94 23.07 27.32
CA MET A 385 19.47 22.52 26.06
C MET A 385 20.33 21.38 25.52
N ASP A 386 21.60 21.35 25.90
CA ASP A 386 22.49 20.30 25.43
C ASP A 386 22.03 18.93 25.92
N LEU A 387 21.33 18.89 27.05
CA LEU A 387 20.82 17.64 27.61
C LEU A 387 19.50 17.23 26.95
N VAL A 388 19.03 18.05 26.01
CA VAL A 388 17.76 17.82 25.32
C VAL A 388 18.03 17.32 23.90
N SER A 389 19.28 16.98 23.63
CA SER A 389 19.69 16.46 22.34
C SER A 389 20.70 15.33 22.54
N PRO A 390 20.50 14.21 21.82
CA PRO A 390 21.28 12.98 22.04
C PRO A 390 22.68 13.08 21.46
N GLU A 391 23.60 12.30 22.00
CA GLU A 391 24.97 12.27 21.50
C GLU A 391 25.37 10.86 21.07
N THR A 392 24.38 10.00 20.87
CA THR A 392 24.62 8.64 20.39
C THR A 392 23.39 8.14 19.61
N LEU A 393 23.49 6.95 19.04
CA LEU A 393 22.37 6.35 18.32
C LEU A 393 21.60 5.39 19.22
N PRO A 394 20.28 5.28 18.99
CA PRO A 394 19.49 4.28 19.69
C PRO A 394 19.77 2.93 19.07
N SER A 395 19.60 1.86 19.86
CA SER A 395 19.67 0.51 19.34
C SER A 395 18.37 0.19 18.60
N VAL A 396 18.48 -0.49 17.46
CA VAL A 396 17.35 -0.63 16.55
C VAL A 396 16.94 -2.09 16.34
N CYS A 397 15.64 -2.32 16.27
CA CYS A 397 15.11 -3.65 16.03
C CYS A 397 15.50 -4.17 14.64
N ASN A 398 15.95 -5.41 14.54
CA ASN A 398 16.32 -6.00 13.25
C ASN A 398 15.13 -6.39 12.40
N MET A 399 13.93 -6.26 12.94
CA MET A 399 12.72 -6.48 12.15
C MET A 399 12.07 -5.14 11.80
N SER A 400 11.55 -4.45 12.81
CA SER A 400 10.76 -3.24 12.54
C SER A 400 11.58 -2.03 12.11
N GLN A 401 12.89 -2.06 12.39
CA GLN A 401 13.79 -0.93 12.11
C GLN A 401 13.51 0.27 13.01
N ILE A 402 12.83 0.01 14.14
CA ILE A 402 12.51 1.07 15.08
C ILE A 402 13.26 0.79 16.39
N PRO A 403 13.74 1.86 17.07
CA PRO A 403 14.55 1.64 18.27
C PRO A 403 13.92 0.71 19.32
N LEU A 404 14.80 0.10 20.12
CA LEU A 404 14.39 -0.87 21.13
C LEU A 404 13.96 -0.14 22.40
N VAL A 405 12.69 -0.29 22.78
CA VAL A 405 12.16 0.49 23.91
C VAL A 405 11.51 -0.37 24.99
N GLY A 406 11.16 0.26 26.09
CA GLY A 406 10.48 -0.38 27.19
C GLY A 406 9.73 0.65 28.02
N VAL A 407 9.26 0.26 29.19
CA VAL A 407 8.54 1.18 30.08
C VAL A 407 9.49 1.86 31.07
N PRO A 408 9.57 3.20 31.02
CA PRO A 408 10.49 3.92 31.92
C PRO A 408 9.88 4.21 33.28
N GLY A 409 10.66 4.83 34.16
CA GLY A 409 10.14 5.35 35.41
C GLY A 409 10.02 4.37 36.58
N ASP A 410 8.97 4.55 37.36
CA ASP A 410 8.79 3.84 38.62
C ASP A 410 8.91 2.32 38.50
N ASP A 411 8.22 1.72 37.56
CA ASP A 411 8.35 0.28 37.35
C ASP A 411 9.06 -0.04 36.04
N TRP A 412 10.30 0.42 35.94
CA TRP A 412 11.14 0.20 34.77
C TRP A 412 11.11 -1.26 34.32
N ASN A 413 10.89 -1.45 33.03
CA ASN A 413 10.94 -2.79 32.43
C ASN A 413 11.22 -2.69 30.94
N ILE A 414 12.34 -3.26 30.51
CA ILE A 414 12.66 -3.26 29.09
C ILE A 414 13.27 -4.59 28.69
N GLU A 415 12.82 -5.12 27.55
CA GLU A 415 13.34 -6.40 27.11
C GLU A 415 13.66 -6.44 25.62
N VAL A 416 14.87 -6.92 25.32
CA VAL A 416 15.33 -7.14 23.95
C VAL A 416 15.28 -8.64 23.73
N PHE A 417 14.83 -9.05 22.54
CA PHE A 417 14.73 -10.46 22.19
C PHE A 417 15.76 -10.80 21.12
N SER A 418 16.84 -11.45 21.53
CA SER A 418 17.99 -11.61 20.65
C SER A 418 18.08 -12.99 20.03
N LEU A 419 18.90 -13.08 18.99
CA LEU A 419 18.98 -14.30 18.22
C LEU A 419 20.34 -14.39 17.55
N GLU A 420 21.03 -15.50 17.74
CA GLU A 420 22.20 -15.81 16.94
C GLU A 420 21.73 -16.62 15.74
N HIS A 421 22.21 -16.27 14.55
CA HIS A 421 21.77 -16.94 13.34
C HIS A 421 22.81 -16.79 12.25
N ASN A 422 23.31 -17.93 11.76
CA ASN A 422 24.34 -17.94 10.73
C ASN A 422 25.52 -17.05 11.09
N GLY A 423 26.00 -17.18 12.32
CA GLY A 423 27.18 -16.46 12.77
C GLY A 423 26.98 -14.97 13.01
N ARG A 424 25.73 -14.54 13.09
CA ARG A 424 25.44 -13.12 13.32
C ARG A 424 24.48 -12.93 14.50
N LEU A 425 24.66 -11.84 15.24
CA LEU A 425 23.77 -11.52 16.37
C LEU A 425 22.73 -10.46 16.05
N TYR A 426 21.46 -10.84 16.11
CA TYR A 426 20.36 -9.92 15.85
C TYR A 426 19.64 -9.52 17.14
N HIS A 427 19.01 -8.36 17.14
CA HIS A 427 18.24 -7.90 18.29
C HIS A 427 16.84 -7.47 17.86
N PHE A 428 15.83 -7.97 18.56
CA PHE A 428 14.44 -7.64 18.24
C PHE A 428 13.70 -6.96 19.40
N GLY A 429 12.77 -6.06 19.06
CA GLY A 429 12.06 -5.29 20.06
C GLY A 429 10.87 -5.99 20.71
N SER A 430 10.58 -7.22 20.29
CA SER A 430 9.48 -7.99 20.85
C SER A 430 9.63 -9.48 20.55
N GLU A 431 8.92 -10.31 21.31
CA GLU A 431 8.83 -11.75 21.02
C GLU A 431 8.33 -11.97 19.59
N VAL A 432 7.32 -11.21 19.21
CA VAL A 432 6.68 -11.39 17.91
C VAL A 432 7.64 -11.00 16.77
N ASP A 433 8.37 -9.92 16.93
CA ASP A 433 9.31 -9.51 15.89
C ASP A 433 10.35 -10.60 15.65
N ARG A 434 10.84 -11.20 16.73
CA ARG A 434 11.77 -12.33 16.58
C ARG A 434 11.12 -13.52 15.87
N TRP A 435 9.89 -13.83 16.26
CA TRP A 435 9.13 -14.91 15.64
C TRP A 435 8.94 -14.65 14.13
N VAL A 436 8.66 -13.41 13.75
CA VAL A 436 8.49 -13.07 12.33
C VAL A 436 9.75 -13.41 11.54
N PHE A 437 10.90 -13.00 12.09
CA PHE A 437 12.18 -13.27 11.44
C PHE A 437 12.32 -14.77 11.25
N GLN A 438 11.97 -15.52 12.28
CA GLN A 438 12.18 -16.96 12.24
C GLN A 438 11.24 -17.66 11.27
N GLN A 439 10.14 -17.01 10.91
CA GLN A 439 9.19 -17.59 9.94
C GLN A 439 9.76 -17.65 8.52
N ASP A 440 10.71 -16.75 8.22
CA ASP A 440 11.19 -16.63 6.85
C ASP A 440 12.56 -15.98 6.84
N PRO A 441 13.57 -16.67 7.38
CA PRO A 441 14.91 -16.07 7.53
C PRO A 441 15.52 -15.60 6.21
N VAL A 442 15.28 -16.30 5.11
CA VAL A 442 15.88 -15.88 3.83
C VAL A 442 15.40 -14.48 3.44
N GLN A 443 14.23 -14.07 3.92
CA GLN A 443 13.68 -12.74 3.61
C GLN A 443 14.46 -11.64 4.32
N TYR A 444 15.08 -11.97 5.45
CA TYR A 444 15.60 -10.95 6.36
C TYR A 444 17.08 -11.08 6.72
N GLN A 445 17.61 -12.29 6.67
CA GLN A 445 18.86 -12.59 7.37
C GLN A 445 20.05 -11.69 7.00
N ASN A 446 20.13 -11.24 5.75
CA ASN A 446 21.26 -10.42 5.36
C ASN A 446 20.95 -8.92 5.28
N HIS A 447 19.76 -8.55 5.73
CA HIS A 447 19.45 -7.13 5.87
C HIS A 447 20.21 -6.53 7.05
N MET A 448 20.70 -5.31 6.87
CA MET A 448 21.40 -4.62 7.94
C MET A 448 20.64 -3.37 8.30
N ASN A 449 20.31 -3.23 9.57
CA ASN A 449 19.61 -2.01 9.98
C ASN A 449 20.60 -0.84 10.02
N ILE A 450 20.07 0.36 10.17
CA ILE A 450 20.88 1.56 10.04
C ILE A 450 22.07 1.54 11.00
N VAL A 451 21.83 1.05 12.21
CA VAL A 451 22.90 1.00 13.20
C VAL A 451 23.91 -0.12 12.89
N ASP A 452 23.43 -1.25 12.37
CA ASP A 452 24.35 -2.28 11.86
C ASP A 452 25.30 -1.67 10.84
N ARG A 453 24.76 -0.84 9.95
CA ARG A 453 25.55 -0.19 8.91
C ARG A 453 26.57 0.77 9.52
N PHE A 454 26.12 1.56 10.50
CA PHE A 454 26.97 2.50 11.22
C PHE A 454 28.18 1.78 11.82
N LEU A 455 27.91 0.65 12.48
CA LEU A 455 28.97 -0.10 13.14
C LEU A 455 29.86 -0.84 12.14
N ALA A 456 29.33 -1.14 10.97
CA ALA A 456 30.06 -1.89 9.96
C ALA A 456 30.89 -1.02 9.04
N GLY A 457 30.86 0.30 9.24
CA GLY A 457 31.71 1.20 8.48
C GLY A 457 31.07 1.77 7.21
N GLN A 458 29.78 1.52 7.04
CA GLN A 458 29.09 1.96 5.82
C GLN A 458 28.62 3.41 5.90
N ILE A 459 28.65 3.97 7.11
CA ILE A 459 28.26 5.36 7.32
C ILE A 459 29.48 6.22 7.64
N GLN A 460 29.90 7.03 6.69
CA GLN A 460 31.10 7.84 6.85
C GLN A 460 30.80 9.33 6.74
N PRO A 461 31.32 10.13 7.67
CA PRO A 461 32.09 9.65 8.82
C PRO A 461 31.15 9.01 9.83
N MET A 462 31.72 8.21 10.72
CA MET A 462 30.92 7.48 11.68
C MET A 462 30.61 8.41 12.87
N THR A 463 29.72 9.36 12.64
CA THR A 463 29.38 10.35 13.64
C THR A 463 27.90 10.66 13.50
N LEU A 464 27.38 11.47 14.42
CA LEU A 464 25.97 11.84 14.34
C LEU A 464 25.76 12.65 13.07
N GLU A 465 26.66 13.56 12.77
CA GLU A 465 26.55 14.33 11.54
C GLU A 465 26.61 13.42 10.32
N GLY A 466 27.59 12.52 10.30
CA GLY A 466 27.71 11.58 9.20
C GLY A 466 26.43 10.79 8.98
N ALA A 467 25.82 10.36 10.07
CA ALA A 467 24.56 9.64 9.98
C ALA A 467 23.44 10.51 9.40
N LEU A 468 23.38 11.77 9.81
CA LEU A 468 22.35 12.67 9.30
C LEU A 468 22.50 12.88 7.81
N LYS A 469 23.73 13.05 7.35
CA LYS A 469 24.00 13.15 5.92
C LYS A 469 23.63 11.86 5.21
N TYR A 470 24.05 10.73 5.76
CA TYR A 470 23.65 9.43 5.22
C TYR A 470 22.13 9.27 5.07
N MET A 471 21.38 9.80 6.03
CA MET A 471 19.92 9.71 6.00
C MET A 471 19.29 10.62 4.93
N GLY A 472 20.11 11.44 4.27
CA GLY A 472 19.66 12.18 3.11
C GLY A 472 19.25 13.64 3.35
N PHE A 473 19.48 14.12 4.56
CA PHE A 473 19.19 15.52 4.85
C PHE A 473 20.12 16.41 4.03
N GLN A 474 19.54 17.35 3.30
CA GLN A 474 20.30 18.17 2.36
C GLN A 474 20.52 19.59 2.84
N SER A 475 19.78 20.01 3.86
CA SER A 475 20.05 21.29 4.49
C SER A 475 19.69 21.24 5.97
N ILE A 476 20.09 22.27 6.69
CA ILE A 476 19.83 22.32 8.13
C ILE A 476 18.33 22.38 8.42
N GLU A 477 17.60 23.11 7.57
CA GLU A 477 16.17 23.34 7.76
C GLU A 477 15.34 22.07 7.73
N GLU A 478 15.85 21.06 7.03
CA GLU A 478 15.09 19.83 6.78
C GLU A 478 15.03 18.92 8.01
N MET A 479 15.95 19.10 8.95
CA MET A 479 16.00 18.23 10.11
C MET A 479 15.01 18.62 11.18
N GLY A 480 14.44 17.62 11.83
CA GLY A 480 13.35 17.84 12.77
C GLY A 480 13.75 18.72 13.94
N LYS A 481 12.80 19.51 14.43
CA LYS A 481 12.99 20.31 15.62
C LYS A 481 11.73 20.27 16.49
N ASP A 482 11.80 20.77 17.72
CA ASP A 482 10.59 20.83 18.53
C ASP A 482 9.55 21.69 17.82
N ALA A 483 8.36 21.14 17.61
CA ALA A 483 7.30 21.82 16.86
C ALA A 483 7.04 23.26 17.29
N HIS A 484 7.10 23.52 18.59
CA HIS A 484 6.78 24.86 19.08
C HIS A 484 8.01 25.63 19.51
N ASP A 485 9.18 25.19 19.08
CA ASP A 485 10.42 25.80 19.52
C ASP A 485 10.46 25.96 21.03
N PHE A 486 9.96 24.94 21.73
CA PHE A 486 10.00 24.88 23.20
C PHE A 486 9.08 25.87 23.91
N ALA A 487 8.22 26.53 23.15
CA ALA A 487 7.29 27.49 23.75
C ALA A 487 6.39 26.82 24.78
N TRP A 488 6.19 25.51 24.66
CA TRP A 488 5.34 24.77 25.59
C TRP A 488 5.81 24.83 27.04
N ALA A 489 7.11 25.04 27.23
CA ALA A 489 7.69 25.08 28.57
C ALA A 489 7.15 26.25 29.38
N ASP A 490 6.65 27.25 28.68
CA ASP A 490 6.08 28.44 29.30
C ASP A 490 4.78 28.08 30.01
N LYS A 491 4.30 26.87 29.78
CA LYS A 491 3.10 26.37 30.45
C LYS A 491 3.45 25.48 31.65
N CYS A 492 4.74 25.25 31.89
CA CYS A 492 5.21 24.38 32.96
C CYS A 492 5.87 25.13 34.13
N SER B 2 29.50 20.69 9.02
CA SER B 2 28.27 21.46 8.96
C SER B 2 27.39 21.01 7.80
N PHE B 3 26.13 21.44 7.83
CA PHE B 3 25.29 21.37 6.65
C PHE B 3 25.33 22.77 6.06
N GLU B 4 24.55 22.99 5.00
CA GLU B 4 24.39 24.35 4.48
C GLU B 4 22.94 24.74 4.60
N SER B 5 22.67 26.04 4.60
CA SER B 5 21.30 26.51 4.63
C SER B 5 20.83 26.71 3.19
N LYS B 6 19.60 26.31 2.94
CA LYS B 6 19.02 26.43 1.61
C LYS B 6 17.59 26.90 1.79
N LYS B 7 17.08 27.63 0.82
CA LYS B 7 15.71 28.09 0.92
C LYS B 7 14.75 27.04 0.34
N PRO B 8 13.46 27.20 0.62
CA PRO B 8 12.46 26.30 0.01
C PRO B 8 12.55 26.33 -1.52
N MET B 9 12.26 25.20 -2.13
CA MET B 9 12.26 25.05 -3.58
C MET B 9 10.81 25.15 -4.08
N ARG B 10 10.62 25.55 -5.33
CA ARG B 10 9.27 25.80 -5.85
C ARG B 10 8.57 24.48 -6.18
N THR B 11 9.35 23.41 -6.23
CA THR B 11 8.81 22.10 -6.58
C THR B 11 9.69 21.03 -5.92
N TRP B 12 9.48 19.76 -6.25
CA TRP B 12 10.33 18.69 -5.71
C TRP B 12 11.81 18.96 -6.02
N SER B 13 12.70 18.59 -5.09
CA SER B 13 14.12 18.79 -5.31
C SER B 13 14.58 18.20 -6.63
N HIS B 14 13.99 17.08 -7.06
CA HIS B 14 14.43 16.45 -8.30
C HIS B 14 13.96 17.19 -9.56
N LEU B 15 12.93 18.02 -9.42
CA LEU B 15 12.42 18.79 -10.57
C LEU B 15 12.91 20.23 -10.53
N ALA B 16 13.55 20.60 -9.44
CA ALA B 16 13.92 22.00 -9.21
C ALA B 16 14.81 22.61 -10.30
N GLU B 17 15.49 21.78 -11.10
CA GLU B 17 16.33 22.30 -12.18
C GLU B 17 15.69 22.25 -13.58
N MET B 18 14.39 22.02 -13.66
CA MET B 18 13.68 22.14 -14.92
C MET B 18 13.66 23.62 -15.25
N ARG B 19 13.72 23.95 -16.54
CA ARG B 19 13.53 25.34 -16.92
C ARG B 19 12.08 25.70 -16.65
N LYS B 20 11.19 24.83 -17.10
CA LYS B 20 9.74 25.10 -17.05
C LYS B 20 9.14 24.89 -15.66
N LYS B 21 7.99 25.51 -15.44
CA LYS B 21 7.17 25.20 -14.28
C LYS B 21 6.72 23.75 -14.43
N PRO B 22 6.96 22.94 -13.39
CA PRO B 22 6.52 21.54 -13.41
C PRO B 22 5.03 21.40 -13.65
N SER B 23 4.64 20.45 -14.51
CA SER B 23 3.23 20.21 -14.78
C SER B 23 2.65 19.26 -13.75
N GLU B 24 1.33 19.09 -13.77
CA GLU B 24 0.68 18.05 -12.95
C GLU B 24 1.32 16.69 -13.18
N TYR B 25 1.55 16.36 -14.45
CA TYR B 25 2.19 15.11 -14.81
C TYR B 25 3.58 14.95 -14.15
N ASP B 26 4.41 15.98 -14.29
CA ASP B 26 5.77 15.95 -13.72
C ASP B 26 5.67 15.69 -12.23
N ILE B 27 4.82 16.46 -11.56
CA ILE B 27 4.71 16.45 -10.11
C ILE B 27 4.34 15.09 -9.55
N VAL B 28 3.39 14.41 -10.20
CA VAL B 28 2.85 13.19 -9.61
C VAL B 28 3.35 11.90 -10.25
N SER B 29 4.17 11.98 -11.30
CA SER B 29 4.57 10.77 -12.05
C SER B 29 6.05 10.41 -11.98
N ARG B 30 6.91 11.38 -11.74
CA ARG B 30 8.33 11.20 -12.05
C ARG B 30 9.18 10.71 -10.91
N LYS B 31 10.07 9.77 -11.24
CA LYS B 31 11.03 9.20 -10.30
C LYS B 31 10.43 8.69 -9.00
N LEU B 32 9.52 7.73 -9.11
CA LEU B 32 8.85 7.18 -7.93
C LEU B 32 9.32 5.75 -7.58
N HIS B 33 10.04 5.09 -8.48
CA HIS B 33 10.59 3.76 -8.15
C HIS B 33 11.86 3.88 -7.33
N TYR B 34 11.75 3.73 -6.01
CA TYR B 34 12.95 3.73 -5.17
C TYR B 34 13.70 2.40 -5.32
N SER B 35 13.01 1.39 -5.83
CA SER B 35 13.59 0.05 -5.98
C SER B 35 14.76 0.00 -6.97
N THR B 36 14.98 1.09 -7.70
CA THR B 36 16.11 1.17 -8.63
C THR B 36 17.31 1.88 -8.01
N ASN B 37 17.16 2.37 -6.78
CA ASN B 37 18.22 3.16 -6.16
C ASN B 37 19.49 2.36 -5.80
N ASN B 38 19.29 1.15 -5.30
CA ASN B 38 20.37 0.32 -4.79
C ASN B 38 20.46 -0.95 -5.63
N PRO B 39 21.48 -1.04 -6.49
CA PRO B 39 21.61 -2.15 -7.45
C PRO B 39 21.70 -3.50 -6.76
N ASP B 40 22.32 -3.55 -5.57
N ASP B 40 22.29 -3.51 -5.56
CA ASP B 40 22.45 -4.82 -4.85
CA ASP B 40 22.51 -4.75 -4.81
C ASP B 40 21.16 -5.21 -4.15
C ASP B 40 21.31 -5.17 -3.96
N SER B 41 20.42 -4.22 -3.66
CA SER B 41 19.17 -4.49 -2.95
C SER B 41 18.03 -3.60 -3.48
N PRO B 42 17.39 -4.03 -4.57
CA PRO B 42 16.23 -3.29 -5.05
C PRO B 42 15.25 -2.98 -3.91
N TRP B 43 14.90 -4.00 -3.14
CA TRP B 43 13.91 -3.87 -2.06
C TRP B 43 14.59 -3.90 -0.70
N GLU B 44 13.98 -3.25 0.28
CA GLU B 44 14.57 -3.04 1.61
C GLU B 44 14.46 -4.30 2.47
N LEU B 45 15.17 -5.34 2.04
CA LEU B 45 15.15 -6.65 2.70
C LEU B 45 16.54 -7.29 2.58
N SER B 46 16.63 -8.58 2.87
CA SER B 46 17.89 -9.25 2.59
C SER B 46 18.19 -9.08 1.10
N PRO B 47 19.44 -8.68 0.77
CA PRO B 47 19.86 -8.50 -0.63
C PRO B 47 19.61 -9.76 -1.48
N ASP B 48 19.63 -10.95 -0.88
CA ASP B 48 19.37 -12.16 -1.64
C ASP B 48 17.99 -12.79 -1.37
N SER B 49 17.06 -12.00 -0.84
CA SER B 49 15.66 -12.43 -0.75
C SER B 49 15.16 -12.78 -2.15
N PRO B 50 14.15 -13.66 -2.24
CA PRO B 50 13.64 -14.10 -3.54
C PRO B 50 13.26 -12.96 -4.48
N MET B 51 12.53 -11.97 -3.99
CA MET B 51 12.12 -10.90 -4.89
C MET B 51 13.31 -10.02 -5.28
N ASN B 52 14.29 -9.87 -4.38
CA ASN B 52 15.50 -9.12 -4.74
C ASN B 52 16.29 -9.82 -5.84
N LEU B 53 16.36 -11.15 -5.78
CA LEU B 53 17.02 -11.91 -6.83
C LEU B 53 16.23 -11.82 -8.14
N TRP B 54 14.91 -11.87 -8.02
CA TRP B 54 14.05 -11.78 -9.19
C TRP B 54 14.30 -10.48 -9.93
N TYR B 55 14.32 -9.38 -9.18
CA TYR B 55 14.49 -8.06 -9.79
C TYR B 55 15.89 -7.84 -10.33
N LYS B 56 16.90 -8.35 -9.63
CA LYS B 56 18.26 -8.20 -10.12
C LYS B 56 18.44 -8.95 -11.43
N GLN B 57 17.73 -10.06 -11.59
CA GLN B 57 17.84 -10.83 -12.82
C GLN B 57 16.98 -10.27 -13.97
N TYR B 58 15.72 -9.96 -13.66
CA TYR B 58 14.76 -9.63 -14.72
C TYR B 58 14.57 -8.14 -15.01
N ARG B 59 15.04 -7.29 -14.11
CA ARG B 59 15.09 -5.87 -14.40
C ARG B 59 16.53 -5.40 -14.55
N ASN B 60 17.29 -5.39 -13.47
CA ASN B 60 18.63 -4.80 -13.48
C ASN B 60 19.55 -5.38 -14.55
N ALA B 61 19.44 -6.69 -14.80
CA ALA B 61 20.34 -7.37 -15.71
C ALA B 61 19.83 -7.39 -17.16
N SER B 62 18.76 -6.66 -17.44
CA SER B 62 18.22 -6.68 -18.79
C SER B 62 19.29 -6.21 -19.76
N PRO B 63 19.36 -6.84 -20.95
CA PRO B 63 20.27 -6.35 -21.99
C PRO B 63 19.82 -4.99 -22.55
N LEU B 64 18.54 -4.67 -22.41
CA LEU B 64 18.03 -3.34 -22.78
C LEU B 64 18.50 -2.36 -21.70
N LYS B 65 19.40 -1.45 -22.05
CA LYS B 65 20.07 -0.63 -21.06
C LYS B 65 20.02 0.86 -21.36
N HIS B 66 19.80 1.67 -20.32
CA HIS B 66 19.81 3.12 -20.42
C HIS B 66 20.18 3.66 -19.04
N ASP B 67 20.97 4.72 -18.98
CA ASP B 67 21.41 5.22 -17.68
C ASP B 67 20.43 6.20 -17.04
N ASN B 68 19.35 6.51 -17.74
CA ASN B 68 18.33 7.39 -17.19
C ASN B 68 16.92 7.04 -17.71
N TRP B 69 16.44 5.86 -17.37
CA TRP B 69 15.09 5.46 -17.75
C TRP B 69 14.04 6.45 -17.23
N ASP B 70 14.29 7.02 -16.05
CA ASP B 70 13.32 7.92 -15.42
C ASP B 70 13.00 9.13 -16.28
N ALA B 71 13.92 9.48 -17.17
CA ALA B 71 13.72 10.65 -18.02
C ALA B 71 12.58 10.41 -19.02
N PHE B 72 12.19 9.14 -19.18
CA PHE B 72 11.08 8.83 -20.08
C PHE B 72 9.84 9.66 -19.77
N THR B 73 9.13 10.05 -20.82
CA THR B 73 7.92 10.86 -20.72
C THR B 73 6.81 10.25 -21.56
N ASP B 74 5.70 9.88 -20.94
CA ASP B 74 4.49 9.57 -21.70
C ASP B 74 4.16 10.76 -22.63
N PRO B 75 4.18 10.51 -23.96
CA PRO B 75 3.90 11.60 -24.90
C PRO B 75 2.52 12.20 -24.68
N ASP B 76 1.63 11.45 -24.02
CA ASP B 76 0.30 11.95 -23.75
C ASP B 76 0.27 12.63 -22.38
N GLN B 77 1.30 12.38 -21.57
CA GLN B 77 1.39 12.92 -20.22
C GLN B 77 0.11 12.71 -19.40
N LEU B 78 -0.46 11.51 -19.51
CA LEU B 78 -1.69 11.19 -18.77
C LEU B 78 -1.39 10.96 -17.31
N VAL B 79 -2.31 11.44 -16.46
CA VAL B 79 -2.28 11.10 -15.04
C VAL B 79 -3.61 10.38 -14.71
N TYR B 80 -3.72 9.85 -13.51
CA TYR B 80 -4.94 9.15 -13.16
C TYR B 80 -6.17 10.02 -13.47
N ARG B 81 -6.14 11.27 -13.00
CA ARG B 81 -7.27 12.17 -13.15
C ARG B 81 -7.72 12.36 -14.61
N THR B 82 -6.76 12.63 -15.47
CA THR B 82 -7.07 12.93 -16.86
C THR B 82 -7.40 11.67 -17.64
N TYR B 83 -6.82 10.53 -17.26
CA TYR B 83 -7.19 9.26 -17.89
C TYR B 83 -8.68 8.98 -17.65
N ASN B 84 -9.11 9.13 -16.40
CA ASN B 84 -10.51 8.88 -16.10
C ASN B 84 -11.46 9.84 -16.84
N LEU B 85 -11.07 11.10 -16.97
CA LEU B 85 -11.90 12.03 -17.74
C LEU B 85 -12.07 11.55 -19.18
N MET B 86 -10.97 11.18 -19.81
CA MET B 86 -10.99 10.71 -21.20
C MET B 86 -11.80 9.43 -21.36
N GLN B 87 -11.59 8.48 -20.47
CA GLN B 87 -12.21 7.15 -20.59
C GLN B 87 -13.69 7.12 -20.16
N ASP B 88 -14.06 7.98 -19.21
CA ASP B 88 -15.47 8.17 -18.91
C ASP B 88 -16.18 8.73 -20.15
N GLY B 89 -15.51 9.66 -20.84
CA GLY B 89 -15.99 10.15 -22.12
C GLY B 89 -16.20 9.02 -23.12
N GLN B 90 -15.17 8.20 -23.33
CA GLN B 90 -15.27 7.08 -24.26
C GLN B 90 -16.28 6.00 -23.83
N GLU B 91 -16.33 5.66 -22.55
CA GLU B 91 -17.25 4.64 -22.08
C GLU B 91 -18.69 5.14 -22.07
N SER B 92 -18.88 6.40 -21.76
CA SER B 92 -20.24 6.95 -21.84
C SER B 92 -20.73 6.87 -23.30
N TYR B 93 -19.83 7.15 -24.24
CA TYR B 93 -20.14 7.07 -25.65
C TYR B 93 -20.47 5.64 -26.08
N VAL B 94 -19.64 4.69 -25.66
CA VAL B 94 -19.92 3.28 -25.94
C VAL B 94 -21.23 2.82 -25.31
N GLN B 95 -21.49 3.23 -24.09
CA GLN B 95 -22.77 2.89 -23.44
C GLN B 95 -23.97 3.46 -24.23
N SER B 96 -23.82 4.69 -24.71
CA SER B 96 -24.86 5.31 -25.52
C SER B 96 -25.11 4.53 -26.81
N LEU B 97 -24.03 4.11 -27.45
CA LEU B 97 -24.13 3.27 -28.64
C LEU B 97 -24.83 1.94 -28.33
N PHE B 98 -24.38 1.27 -27.27
CA PHE B 98 -25.00 -0.02 -26.90
C PHE B 98 -26.50 0.14 -26.68
N ASP B 99 -26.87 1.18 -25.95
CA ASP B 99 -28.25 1.39 -25.56
C ASP B 99 -29.13 1.67 -26.79
N GLN B 100 -28.66 2.57 -27.67
CA GLN B 100 -29.44 2.97 -28.85
C GLN B 100 -29.51 1.87 -29.92
N PHE B 101 -28.43 1.12 -30.08
CA PHE B 101 -28.42 0.01 -31.05
C PHE B 101 -29.31 -1.14 -30.58
N ASN B 102 -29.30 -1.37 -29.26
CA ASN B 102 -30.21 -2.34 -28.68
C ASN B 102 -31.67 -1.88 -28.83
N GLU B 103 -31.92 -0.58 -28.64
CA GLU B 103 -33.27 -0.04 -28.84
C GLU B 103 -33.74 -0.33 -30.27
N ARG B 104 -32.81 -0.24 -31.22
CA ARG B 104 -33.16 -0.41 -32.63
C ARG B 104 -33.07 -1.87 -33.07
N GLU B 105 -32.77 -2.75 -32.12
CA GLU B 105 -32.68 -4.18 -32.40
C GLU B 105 -31.66 -4.50 -33.49
N HIS B 106 -30.53 -3.80 -33.44
CA HIS B 106 -29.41 -4.01 -34.35
C HIS B 106 -29.06 -5.48 -34.55
N ASP B 107 -28.97 -6.20 -33.44
CA ASP B 107 -28.53 -7.59 -33.49
C ASP B 107 -29.43 -8.48 -34.38
N GLN B 108 -30.71 -8.18 -34.43
CA GLN B 108 -31.64 -8.95 -35.24
C GLN B 108 -31.43 -8.77 -36.74
N MET B 109 -30.80 -7.66 -37.13
N MET B 109 -30.79 -7.65 -37.12
CA MET B 109 -30.69 -7.34 -38.55
CA MET B 109 -30.67 -7.29 -38.53
C MET B 109 -29.30 -7.62 -39.13
C MET B 109 -29.32 -7.67 -39.15
N VAL B 110 -28.44 -8.30 -38.39
CA VAL B 110 -27.16 -8.72 -38.95
C VAL B 110 -27.39 -9.82 -39.97
N ARG B 111 -26.44 -10.00 -40.88
CA ARG B 111 -26.54 -10.99 -41.92
C ARG B 111 -26.69 -12.40 -41.33
N GLU B 112 -27.51 -13.24 -41.95
CA GLU B 112 -27.73 -14.60 -41.46
C GLU B 112 -26.41 -15.32 -41.20
N GLY B 113 -26.30 -15.93 -40.02
CA GLY B 113 -25.11 -16.69 -39.67
C GLY B 113 -24.01 -15.88 -38.99
N TRP B 114 -24.11 -14.56 -39.04
CA TRP B 114 -23.10 -13.70 -38.43
C TRP B 114 -22.90 -14.02 -36.95
N GLU B 115 -23.97 -14.48 -36.30
CA GLU B 115 -23.90 -14.82 -34.87
C GLU B 115 -22.89 -15.93 -34.65
N HIS B 116 -22.79 -16.83 -35.62
CA HIS B 116 -21.87 -17.95 -35.51
C HIS B 116 -20.44 -17.46 -35.68
N THR B 117 -20.25 -16.50 -36.57
CA THR B 117 -18.93 -15.91 -36.77
C THR B 117 -18.48 -15.19 -35.49
N MET B 118 -19.40 -14.46 -34.87
CA MET B 118 -19.12 -13.78 -33.61
C MET B 118 -18.82 -14.78 -32.48
N ALA B 119 -19.62 -15.83 -32.39
CA ALA B 119 -19.42 -16.82 -31.35
C ALA B 119 -18.03 -17.44 -31.46
N ARG B 120 -17.55 -17.60 -32.68
CA ARG B 120 -16.27 -18.29 -32.92
C ARG B 120 -15.08 -17.35 -32.92
N CYS B 121 -15.24 -16.17 -33.51
CA CYS B 121 -14.12 -15.30 -33.76
C CYS B 121 -14.09 -14.06 -32.86
N TYR B 122 -15.23 -13.76 -32.25
CA TYR B 122 -15.33 -12.54 -31.44
C TYR B 122 -15.35 -12.80 -29.94
N SER B 123 -16.31 -13.61 -29.49
CA SER B 123 -16.46 -13.76 -28.05
C SER B 123 -15.23 -14.32 -27.30
N PRO B 124 -14.47 -15.26 -27.91
CA PRO B 124 -13.32 -15.74 -27.15
C PRO B 124 -12.18 -14.71 -27.05
N LEU B 125 -12.38 -13.53 -27.63
CA LEU B 125 -11.42 -12.45 -27.47
C LEU B 125 -11.20 -12.07 -26.01
N ARG B 126 -12.19 -12.35 -25.15
CA ARG B 126 -12.02 -12.08 -23.74
C ARG B 126 -10.75 -12.74 -23.17
N TYR B 127 -10.42 -13.94 -23.66
CA TYR B 127 -9.17 -14.62 -23.26
C TYR B 127 -7.94 -13.86 -23.75
N LEU B 128 -7.93 -13.50 -25.03
CA LEU B 128 -6.81 -12.76 -25.58
C LEU B 128 -6.65 -11.42 -24.84
N PHE B 129 -7.75 -10.69 -24.67
CA PHE B 129 -7.65 -9.39 -24.01
C PHE B 129 -7.20 -9.55 -22.57
N HIS B 130 -7.63 -10.62 -21.91
CA HIS B 130 -7.17 -10.81 -20.53
C HIS B 130 -5.67 -11.10 -20.49
N CYS B 131 -5.16 -11.83 -21.48
CA CYS B 131 -3.73 -12.09 -21.55
C CYS B 131 -2.94 -10.78 -21.69
N LEU B 132 -3.45 -9.87 -22.52
CA LEU B 132 -2.87 -8.54 -22.68
C LEU B 132 -2.91 -7.80 -21.34
N GLN B 133 -4.02 -7.93 -20.64
CA GLN B 133 -4.18 -7.36 -19.30
C GLN B 133 -3.11 -7.90 -18.32
N MET B 134 -2.98 -9.22 -18.23
CA MET B 134 -2.00 -9.83 -17.32
C MET B 134 -0.59 -9.39 -17.70
N SER B 135 -0.31 -9.40 -19.00
CA SER B 135 1.02 -9.11 -19.49
C SER B 135 1.38 -7.65 -19.26
N SER B 136 0.41 -6.76 -19.45
CA SER B 136 0.60 -5.35 -19.20
C SER B 136 0.96 -5.10 -17.73
N ALA B 137 0.25 -5.78 -16.83
CA ALA B 137 0.56 -5.68 -15.42
C ALA B 137 1.98 -6.16 -15.10
N TYR B 138 2.46 -7.18 -15.80
CA TYR B 138 3.85 -7.61 -15.55
C TYR B 138 4.86 -6.52 -15.94
N VAL B 139 4.68 -5.94 -17.12
CA VAL B 139 5.59 -4.88 -17.52
C VAL B 139 5.53 -3.73 -16.50
N GLN B 140 4.33 -3.39 -16.04
CA GLN B 140 4.17 -2.39 -14.98
C GLN B 140 5.09 -2.65 -13.80
N GLN B 141 5.05 -3.87 -13.28
CA GLN B 141 5.73 -4.13 -12.01
C GLN B 141 7.26 -4.25 -12.17
N MET B 142 7.70 -4.56 -13.39
CA MET B 142 9.12 -4.73 -13.70
C MET B 142 9.83 -3.54 -14.37
N ALA B 143 9.09 -2.58 -14.91
CA ALA B 143 9.74 -1.46 -15.63
C ALA B 143 10.60 -0.61 -14.70
N PRO B 144 11.76 -0.13 -15.19
CA PRO B 144 12.72 0.57 -14.33
C PRO B 144 12.48 2.07 -14.14
N ALA B 145 11.29 2.56 -14.49
CA ALA B 145 10.93 3.96 -14.24
C ALA B 145 9.43 4.08 -14.00
N SER B 146 9.04 4.94 -13.06
CA SER B 146 7.61 5.12 -12.78
C SER B 146 6.84 5.67 -13.99
N THR B 147 7.45 6.55 -14.78
CA THR B 147 6.75 7.08 -15.95
C THR B 147 6.43 5.97 -16.94
N ILE B 148 7.32 4.97 -17.02
CA ILE B 148 7.04 3.80 -17.86
C ILE B 148 5.93 2.95 -17.24
N SER B 149 6.05 2.65 -15.96
CA SER B 149 5.06 1.80 -15.29
C SER B 149 3.67 2.42 -15.38
N ASN B 150 3.58 3.74 -15.29
CA ASN B 150 2.29 4.44 -15.39
C ASN B 150 1.57 4.17 -16.71
N CYS B 151 2.30 4.24 -17.82
CA CYS B 151 1.73 3.88 -19.12
C CYS B 151 1.22 2.45 -19.11
N CYS B 152 1.93 1.57 -18.38
CA CYS B 152 1.55 0.17 -18.30
C CYS B 152 0.31 -0.02 -17.44
N ILE B 153 0.18 0.77 -16.37
CA ILE B 153 -1.01 0.69 -15.53
C ILE B 153 -2.25 1.02 -16.35
N LEU B 154 -2.20 2.13 -17.07
CA LEU B 154 -3.31 2.54 -17.90
C LEU B 154 -3.62 1.52 -19.00
N GLN B 155 -2.58 0.95 -19.59
CA GLN B 155 -2.74 -0.08 -20.61
C GLN B 155 -3.37 -1.36 -20.04
N THR B 156 -2.99 -1.70 -18.81
CA THR B 156 -3.64 -2.83 -18.12
C THR B 156 -5.15 -2.54 -17.98
N ALA B 157 -5.49 -1.35 -17.49
CA ALA B 157 -6.90 -0.94 -17.41
C ALA B 157 -7.60 -0.98 -18.77
N ASP B 158 -6.96 -0.43 -19.80
CA ASP B 158 -7.51 -0.47 -21.16
C ASP B 158 -7.77 -1.88 -21.62
N SER B 159 -6.89 -2.80 -21.23
CA SER B 159 -7.06 -4.20 -21.61
C SER B 159 -8.33 -4.79 -20.97
N LEU B 160 -8.55 -4.45 -19.70
CA LEU B 160 -9.76 -4.88 -19.02
C LEU B 160 -11.00 -4.18 -19.61
N ARG B 161 -10.82 -2.94 -20.07
CA ARG B 161 -11.90 -2.25 -20.75
C ARG B 161 -12.37 -3.04 -21.98
N TRP B 162 -11.43 -3.48 -22.82
CA TRP B 162 -11.76 -4.29 -24.00
C TRP B 162 -12.38 -5.62 -23.61
N LEU B 163 -11.81 -6.24 -22.58
CA LEU B 163 -12.35 -7.50 -22.05
C LEU B 163 -13.83 -7.29 -21.68
N THR B 164 -14.10 -6.20 -20.99
CA THR B 164 -15.43 -5.92 -20.49
C THR B 164 -16.42 -5.67 -21.63
N HIS B 165 -16.03 -4.87 -22.62
CA HIS B 165 -16.86 -4.70 -23.81
C HIS B 165 -17.28 -6.05 -24.35
N THR B 166 -16.30 -6.95 -24.46
CA THR B 166 -16.47 -8.23 -25.11
C THR B 166 -17.43 -9.11 -24.30
N ALA B 167 -17.26 -9.11 -22.98
CA ALA B 167 -18.19 -9.81 -22.10
C ALA B 167 -19.61 -9.28 -22.26
N TYR B 168 -19.77 -7.96 -22.20
CA TYR B 168 -21.10 -7.36 -22.32
C TYR B 168 -21.79 -7.76 -23.63
N ARG B 169 -21.08 -7.64 -24.74
CA ARG B 169 -21.64 -7.90 -26.06
C ARG B 169 -21.91 -9.38 -26.31
N THR B 170 -21.05 -10.24 -25.79
CA THR B 170 -21.27 -11.68 -25.83
C THR B 170 -22.62 -12.02 -25.19
N HIS B 171 -22.83 -11.54 -23.98
CA HIS B 171 -24.10 -11.78 -23.33
C HIS B 171 -25.26 -11.16 -24.11
N GLU B 172 -25.12 -9.92 -24.54
CA GLU B 172 -26.22 -9.27 -25.24
C GLU B 172 -26.58 -10.01 -26.52
N LEU B 173 -25.58 -10.38 -27.31
CA LEU B 173 -25.80 -11.10 -28.54
C LEU B 173 -26.54 -12.42 -28.27
N SER B 174 -26.20 -13.05 -27.14
CA SER B 174 -26.82 -14.33 -26.80
C SER B 174 -28.33 -14.19 -26.54
N LEU B 175 -28.79 -12.97 -26.29
CA LEU B 175 -30.19 -12.75 -25.98
C LEU B 175 -31.02 -12.87 -27.26
N THR B 176 -30.42 -12.47 -28.37
CA THR B 176 -31.03 -12.58 -29.68
C THR B 176 -30.70 -13.93 -30.33
N TYR B 177 -29.50 -14.44 -30.06
CA TYR B 177 -29.07 -15.73 -30.61
C TYR B 177 -28.63 -16.72 -29.53
N PRO B 178 -29.59 -17.39 -28.88
CA PRO B 178 -29.32 -18.21 -27.71
C PRO B 178 -28.83 -19.61 -28.07
N ASP B 179 -28.72 -19.90 -29.36
CA ASP B 179 -28.38 -21.24 -29.81
C ASP B 179 -27.08 -21.29 -30.58
N ALA B 180 -26.16 -20.38 -30.27
CA ALA B 180 -24.87 -20.33 -30.94
C ALA B 180 -23.71 -20.56 -29.99
N GLY B 181 -24.01 -20.88 -28.74
CA GLY B 181 -22.98 -21.07 -27.72
C GLY B 181 -22.34 -19.79 -27.19
N LEU B 182 -22.94 -18.64 -27.48
CA LEU B 182 -22.43 -17.38 -26.97
C LEU B 182 -22.43 -17.33 -25.43
N GLY B 183 -21.25 -17.15 -24.86
CA GLY B 183 -21.12 -17.10 -23.42
C GLY B 183 -21.00 -18.49 -22.81
N GLU B 184 -20.95 -19.50 -23.68
CA GLU B 184 -20.92 -20.89 -23.22
C GLU B 184 -19.68 -21.67 -23.66
N HIS B 185 -19.21 -21.40 -24.87
N HIS B 185 -19.21 -21.45 -24.87
CA HIS B 185 -18.24 -22.26 -25.54
CA HIS B 185 -18.18 -22.32 -25.43
C HIS B 185 -16.86 -21.62 -25.66
C HIS B 185 -16.87 -21.58 -25.72
N GLU B 186 -16.71 -20.38 -25.20
CA GLU B 186 -15.48 -19.63 -25.43
C GLU B 186 -14.21 -20.27 -24.88
N ARG B 187 -14.26 -20.85 -23.68
CA ARG B 187 -13.07 -21.51 -23.15
C ARG B 187 -12.61 -22.69 -24.03
N GLU B 188 -13.58 -23.49 -24.47
N GLU B 188 -13.56 -23.51 -24.47
CA GLU B 188 -13.29 -24.63 -25.33
CA GLU B 188 -13.24 -24.63 -25.34
C GLU B 188 -12.69 -24.18 -26.67
C GLU B 188 -12.65 -24.15 -26.66
N LEU B 189 -13.22 -23.08 -27.21
CA LEU B 189 -12.72 -22.53 -28.46
C LEU B 189 -11.28 -22.04 -28.32
N TRP B 190 -11.04 -21.27 -27.26
CA TRP B 190 -9.71 -20.76 -26.93
C TRP B 190 -8.70 -21.90 -26.78
N GLU B 191 -9.16 -23.00 -26.17
CA GLU B 191 -8.29 -24.14 -25.89
C GLU B 191 -8.09 -25.10 -27.06
N LYS B 192 -9.10 -25.26 -27.92
CA LYS B 192 -9.06 -26.35 -28.90
C LYS B 192 -9.19 -25.92 -30.35
N GLU B 193 -9.90 -24.83 -30.61
CA GLU B 193 -10.11 -24.38 -31.98
C GLU B 193 -8.79 -23.95 -32.63
N PRO B 194 -8.45 -24.52 -33.79
CA PRO B 194 -7.21 -24.20 -34.49
C PRO B 194 -6.97 -22.69 -34.69
N GLY B 195 -8.00 -21.95 -35.10
CA GLY B 195 -7.85 -20.52 -35.32
C GLY B 195 -7.33 -19.77 -34.11
N TRP B 196 -7.55 -20.32 -32.92
CA TRP B 196 -7.15 -19.66 -31.67
C TRP B 196 -5.79 -20.12 -31.13
N GLN B 197 -5.27 -21.20 -31.69
CA GLN B 197 -4.08 -21.83 -31.09
C GLN B 197 -2.78 -21.06 -31.29
N GLY B 198 -2.66 -20.35 -32.40
CA GLY B 198 -1.49 -19.54 -32.64
C GLY B 198 -1.43 -18.40 -31.64
N LEU B 199 -2.58 -17.78 -31.40
CA LEU B 199 -2.69 -16.72 -30.41
C LEU B 199 -2.45 -17.24 -28.99
N ARG B 200 -3.00 -18.41 -28.67
CA ARG B 200 -2.83 -18.93 -27.33
C ARG B 200 -1.37 -19.30 -27.08
N GLU B 201 -0.74 -19.94 -28.06
CA GLU B 201 0.67 -20.29 -27.92
C GLU B 201 1.50 -19.02 -27.78
N LEU B 202 1.19 -18.01 -28.60
CA LEU B 202 1.89 -16.74 -28.54
C LEU B 202 1.83 -16.13 -27.14
N MET B 203 0.62 -16.06 -26.57
CA MET B 203 0.46 -15.39 -25.28
C MET B 203 1.03 -16.20 -24.10
N GLU B 204 0.86 -17.52 -24.13
CA GLU B 204 1.40 -18.35 -23.05
C GLU B 204 2.92 -18.17 -22.96
N LYS B 205 3.55 -18.13 -24.12
CA LYS B 205 5.00 -17.97 -24.19
C LYS B 205 5.40 -16.53 -23.84
N GLN B 206 4.69 -15.56 -24.39
CA GLN B 206 4.97 -14.16 -24.06
C GLN B 206 4.85 -13.94 -22.55
N LEU B 207 3.83 -14.53 -21.92
CA LEU B 207 3.63 -14.35 -20.49
C LEU B 207 4.75 -15.00 -19.67
N THR B 208 5.61 -15.79 -20.30
CA THR B 208 6.73 -16.37 -19.58
C THR B 208 8.06 -15.73 -19.98
N ALA B 209 8.00 -14.60 -20.69
CA ALA B 209 9.19 -13.80 -20.92
C ALA B 209 9.33 -12.83 -19.74
N PHE B 210 10.24 -13.15 -18.82
CA PHE B 210 10.29 -12.40 -17.56
C PHE B 210 11.23 -11.18 -17.55
N ASP B 211 12.17 -11.10 -18.49
CA ASP B 211 13.01 -9.90 -18.61
C ASP B 211 12.12 -8.70 -18.93
N TRP B 212 12.30 -7.59 -18.22
CA TRP B 212 11.36 -6.48 -18.41
C TRP B 212 11.43 -5.96 -19.83
N GLY B 213 12.64 -5.94 -20.38
CA GLY B 213 12.86 -5.41 -21.70
C GLY B 213 12.23 -6.30 -22.76
N GLU B 214 12.43 -7.61 -22.63
CA GLU B 214 11.84 -8.52 -23.59
C GLU B 214 10.32 -8.53 -23.45
N ALA B 215 9.82 -8.43 -22.22
CA ALA B 215 8.37 -8.41 -22.00
C ALA B 215 7.76 -7.23 -22.75
N PHE B 216 8.31 -6.04 -22.51
CA PHE B 216 7.83 -4.83 -23.20
C PHE B 216 7.86 -4.95 -24.72
N VAL B 217 9.02 -5.36 -25.26
CA VAL B 217 9.17 -5.43 -26.71
C VAL B 217 8.21 -6.44 -27.33
N SER B 218 8.18 -7.65 -26.78
CA SER B 218 7.26 -8.67 -27.29
C SER B 218 5.81 -8.20 -27.19
N LEU B 219 5.43 -7.62 -26.06
CA LEU B 219 4.03 -7.24 -25.86
C LEU B 219 3.64 -6.05 -26.73
N ASN B 220 4.40 -4.96 -26.60
CA ASN B 220 3.99 -3.70 -27.19
C ASN B 220 4.45 -3.45 -28.61
N LEU B 221 5.56 -4.08 -29.01
CA LEU B 221 6.13 -3.86 -30.34
C LEU B 221 5.76 -4.98 -31.32
N VAL B 222 5.42 -6.15 -30.80
CA VAL B 222 5.11 -7.30 -31.66
C VAL B 222 3.68 -7.80 -31.55
N VAL B 223 3.30 -8.31 -30.37
CA VAL B 223 1.93 -8.79 -30.17
C VAL B 223 0.86 -7.72 -30.46
N LYS B 224 0.93 -6.59 -29.78
CA LYS B 224 -0.17 -5.63 -29.85
C LYS B 224 -0.40 -5.03 -31.24
N PRO B 225 0.67 -4.68 -31.96
CA PRO B 225 0.48 -4.19 -33.33
C PRO B 225 -0.15 -5.24 -34.25
N MET B 226 0.20 -6.50 -34.05
CA MET B 226 -0.41 -7.60 -34.81
C MET B 226 -1.92 -7.68 -34.56
N ILE B 227 -2.31 -7.56 -33.29
CA ILE B 227 -3.72 -7.57 -32.95
C ILE B 227 -4.49 -6.45 -33.66
N VAL B 228 -3.89 -5.26 -33.72
CA VAL B 228 -4.50 -4.17 -34.45
C VAL B 228 -4.69 -4.50 -35.92
N GLU B 229 -3.62 -4.96 -36.57
CA GLU B 229 -3.66 -5.13 -38.01
C GLU B 229 -4.34 -6.44 -38.43
N SER B 230 -4.28 -7.46 -37.58
CA SER B 230 -4.75 -8.79 -37.97
C SER B 230 -6.05 -9.23 -37.30
N ILE B 231 -6.44 -8.53 -36.25
CA ILE B 231 -7.68 -8.87 -35.55
C ILE B 231 -8.71 -7.74 -35.60
N PHE B 232 -8.38 -6.59 -35.04
CA PHE B 232 -9.34 -5.48 -34.95
C PHE B 232 -9.87 -5.05 -36.33
N LYS B 233 -8.96 -4.77 -37.26
CA LYS B 233 -9.37 -4.23 -38.55
C LYS B 233 -10.08 -5.23 -39.47
N PRO B 234 -9.58 -6.47 -39.55
CA PRO B 234 -10.34 -7.48 -40.29
C PRO B 234 -11.75 -7.67 -39.73
N LEU B 235 -11.90 -7.71 -38.41
CA LEU B 235 -13.23 -7.74 -37.80
C LEU B 235 -14.14 -6.59 -38.27
N GLN B 236 -13.62 -5.36 -38.29
CA GLN B 236 -14.39 -4.24 -38.82
C GLN B 236 -14.86 -4.48 -40.26
N GLN B 237 -13.98 -5.05 -41.09
CA GLN B 237 -14.33 -5.34 -42.47
C GLN B 237 -15.41 -6.43 -42.56
N GLN B 238 -15.26 -7.48 -41.76
CA GLN B 238 -16.24 -8.56 -41.74
C GLN B 238 -17.59 -8.05 -41.26
N ALA B 239 -17.58 -7.25 -40.20
CA ALA B 239 -18.80 -6.65 -39.71
C ALA B 239 -19.47 -5.84 -40.81
N TRP B 240 -18.71 -5.00 -41.50
CA TRP B 240 -19.27 -4.24 -42.62
C TRP B 240 -19.96 -5.15 -43.62
N GLU B 241 -19.31 -6.25 -43.98
CA GLU B 241 -19.87 -7.17 -44.96
C GLU B 241 -21.11 -7.92 -44.44
N ASN B 242 -21.26 -7.98 -43.12
CA ASN B 242 -22.40 -8.68 -42.53
C ASN B 242 -23.42 -7.80 -41.81
N ASN B 243 -23.52 -6.56 -42.25
CA ASN B 243 -24.47 -5.61 -41.67
C ASN B 243 -24.44 -5.50 -40.15
N ASP B 244 -23.25 -5.66 -39.57
CA ASP B 244 -23.02 -5.32 -38.18
C ASP B 244 -22.44 -3.91 -38.15
N THR B 245 -23.25 -2.93 -37.80
CA THR B 245 -22.78 -1.55 -37.79
C THR B 245 -22.29 -1.10 -36.42
N LEU B 246 -22.60 -1.88 -35.39
CA LEU B 246 -22.13 -1.56 -34.05
C LEU B 246 -20.66 -1.89 -33.87
N LEU B 247 -20.26 -3.08 -34.33
CA LEU B 247 -18.90 -3.55 -34.04
C LEU B 247 -17.80 -2.62 -34.59
N PRO B 248 -17.97 -2.09 -35.81
CA PRO B 248 -16.95 -1.15 -36.31
C PRO B 248 -16.80 0.11 -35.43
N LEU B 249 -17.91 0.65 -34.94
CA LEU B 249 -17.86 1.81 -34.05
C LEU B 249 -17.19 1.47 -32.71
N LEU B 250 -17.50 0.30 -32.17
CA LEU B 250 -16.92 -0.13 -30.92
C LEU B 250 -15.42 -0.31 -31.10
N ILE B 251 -15.04 -1.03 -32.14
CA ILE B 251 -13.62 -1.24 -32.43
C ILE B 251 -12.88 0.08 -32.66
N ASP B 252 -13.53 1.06 -33.27
CA ASP B 252 -12.88 2.36 -33.44
C ASP B 252 -12.51 2.95 -32.09
N SER B 253 -13.38 2.80 -31.09
CA SER B 253 -13.07 3.32 -29.76
C SER B 253 -11.93 2.54 -29.09
N GLN B 254 -11.94 1.22 -29.25
CA GLN B 254 -10.86 0.39 -28.73
C GLN B 254 -9.53 0.74 -29.42
N LEU B 255 -9.58 1.05 -30.72
CA LEU B 255 -8.36 1.37 -31.47
C LEU B 255 -7.70 2.66 -30.99
N LYS B 256 -8.51 3.59 -30.48
CA LYS B 256 -7.98 4.80 -29.86
CA LYS B 256 -7.99 4.80 -29.86
C LYS B 256 -7.07 4.41 -28.70
N ASP B 257 -7.52 3.47 -27.88
CA ASP B 257 -6.66 2.94 -26.82
C ASP B 257 -5.40 2.34 -27.43
N ALA B 258 -5.59 1.51 -28.46
CA ALA B 258 -4.48 0.76 -29.05
C ALA B 258 -3.43 1.71 -29.64
N GLU B 259 -3.87 2.79 -30.30
N GLU B 259 -3.90 2.77 -30.30
CA GLU B 259 -2.92 3.74 -30.85
CA GLU B 259 -3.00 3.78 -30.87
C GLU B 259 -2.18 4.45 -29.73
C GLU B 259 -2.21 4.48 -29.77
N ARG B 260 -2.87 4.72 -28.64
CA ARG B 260 -2.22 5.32 -27.48
C ARG B 260 -1.11 4.42 -26.92
N HIS B 261 -1.35 3.11 -26.88
CA HIS B 261 -0.34 2.19 -26.36
C HIS B 261 0.86 2.20 -27.30
N SER B 262 0.59 2.24 -28.59
CA SER B 262 1.65 2.28 -29.57
C SER B 262 2.44 3.59 -29.46
N ARG B 263 1.74 4.69 -29.24
CA ARG B 263 2.40 5.99 -29.08
C ARG B 263 3.42 5.99 -27.94
N TRP B 264 3.02 5.55 -26.74
CA TRP B 264 3.99 5.57 -25.65
C TRP B 264 5.10 4.55 -25.86
N SER B 265 4.76 3.43 -26.48
CA SER B 265 5.75 2.38 -26.75
C SER B 265 6.83 2.93 -27.65
N LYS B 266 6.41 3.56 -28.74
CA LYS B 266 7.34 4.19 -29.69
C LYS B 266 8.21 5.22 -28.99
N ALA B 267 7.61 6.00 -28.09
CA ALA B 267 8.36 7.02 -27.36
C ALA B 267 9.40 6.37 -26.44
N LEU B 268 9.06 5.21 -25.86
CA LEU B 268 10.03 4.52 -25.01
C LEU B 268 11.17 3.99 -25.87
N VAL B 269 10.86 3.44 -27.04
CA VAL B 269 11.90 3.04 -27.98
C VAL B 269 12.84 4.19 -28.31
N LYS B 270 12.28 5.36 -28.60
CA LYS B 270 13.10 6.51 -28.97
C LYS B 270 14.05 6.88 -27.83
N HIS B 271 13.56 6.80 -26.60
CA HIS B 271 14.38 7.05 -25.42
C HIS B 271 15.50 6.02 -25.31
N ALA B 272 15.14 4.75 -25.44
CA ALA B 272 16.12 3.68 -25.35
C ALA B 272 17.21 3.82 -26.42
N LEU B 273 16.82 4.25 -27.61
CA LEU B 273 17.76 4.35 -28.72
C LEU B 273 18.79 5.46 -28.54
N GLU B 274 18.68 6.23 -27.46
CA GLU B 274 19.74 7.16 -27.12
C GLU B 274 21.00 6.35 -26.88
N ASN B 275 20.82 5.09 -26.47
CA ASN B 275 21.92 4.15 -26.38
C ASN B 275 21.96 3.29 -27.64
N PRO B 276 22.95 3.52 -28.51
CA PRO B 276 23.02 2.84 -29.81
C PRO B 276 23.08 1.32 -29.66
N ASP B 277 23.60 0.82 -28.54
CA ASP B 277 23.61 -0.61 -28.28
C ASP B 277 22.19 -1.19 -28.32
N ASN B 278 21.21 -0.40 -27.91
CA ASN B 278 19.85 -0.92 -27.75
C ASN B 278 19.15 -1.28 -29.04
N HIS B 279 19.67 -0.78 -30.16
CA HIS B 279 19.02 -1.07 -31.43
C HIS B 279 19.03 -2.57 -31.75
N ALA B 280 20.18 -3.19 -31.58
CA ALA B 280 20.34 -4.61 -31.90
C ALA B 280 19.56 -5.44 -30.88
N VAL B 281 19.52 -4.95 -29.64
CA VAL B 281 18.78 -5.64 -28.59
C VAL B 281 17.29 -5.69 -28.92
N ILE B 282 16.74 -4.52 -29.24
CA ILE B 282 15.32 -4.42 -29.56
C ILE B 282 15.01 -5.18 -30.85
N GLU B 283 15.83 -4.95 -31.88
CA GLU B 283 15.67 -5.63 -33.16
C GLU B 283 15.73 -7.14 -32.99
N GLY B 284 16.61 -7.61 -32.12
CA GLY B 284 16.75 -9.04 -31.90
C GLY B 284 15.49 -9.65 -31.30
N TRP B 285 14.87 -8.93 -30.38
CA TRP B 285 13.66 -9.44 -29.74
C TRP B 285 12.47 -9.44 -30.71
N ILE B 286 12.39 -8.42 -31.55
CA ILE B 286 11.34 -8.37 -32.55
C ILE B 286 11.45 -9.56 -33.50
N GLU B 287 12.66 -9.83 -33.97
CA GLU B 287 12.89 -10.95 -34.89
C GLU B 287 12.56 -12.28 -34.22
N LYS B 288 12.80 -12.34 -32.92
CA LYS B 288 12.52 -13.55 -32.15
C LYS B 288 11.03 -13.87 -32.10
N TRP B 289 10.20 -12.86 -31.85
CA TRP B 289 8.77 -13.06 -31.60
C TRP B 289 7.87 -12.90 -32.83
N ARG B 290 8.38 -12.23 -33.86
CA ARG B 290 7.57 -11.98 -35.05
C ARG B 290 6.98 -13.25 -35.66
N PRO B 291 7.79 -14.32 -35.78
CA PRO B 291 7.26 -15.56 -36.35
C PRO B 291 6.03 -16.09 -35.60
N LEU B 292 6.12 -16.20 -34.28
CA LEU B 292 4.96 -16.59 -33.48
C LEU B 292 3.78 -15.64 -33.74
N ALA B 293 4.06 -14.34 -33.76
CA ALA B 293 3.01 -13.35 -34.00
C ALA B 293 2.37 -13.53 -35.37
N ASP B 294 3.20 -13.75 -36.39
CA ASP B 294 2.72 -13.93 -37.75
C ASP B 294 1.87 -15.18 -37.89
N ARG B 295 2.32 -16.28 -37.29
CA ARG B 295 1.56 -17.54 -37.29
C ARG B 295 0.23 -17.40 -36.56
N ALA B 296 0.22 -16.60 -35.50
CA ALA B 296 -0.99 -16.36 -34.72
C ALA B 296 -2.03 -15.65 -35.58
N ALA B 297 -1.58 -14.62 -36.29
CA ALA B 297 -2.47 -13.85 -37.15
C ALA B 297 -3.01 -14.69 -38.30
N GLU B 298 -2.15 -15.50 -38.91
CA GLU B 298 -2.55 -16.32 -40.06
C GLU B 298 -3.66 -17.29 -39.70
N ALA B 299 -3.50 -17.96 -38.57
CA ALA B 299 -4.46 -18.94 -38.11
C ALA B 299 -5.76 -18.24 -37.82
N TYR B 300 -5.68 -17.10 -37.14
CA TYR B 300 -6.88 -16.36 -36.78
C TYR B 300 -7.62 -15.90 -38.03
N LEU B 301 -6.90 -15.38 -39.01
CA LEU B 301 -7.51 -14.86 -40.22
C LEU B 301 -8.13 -16.00 -41.02
N SER B 302 -7.46 -17.14 -41.02
CA SER B 302 -7.96 -18.33 -41.69
C SER B 302 -9.31 -18.71 -41.10
N MET B 303 -9.37 -18.73 -39.76
CA MET B 303 -10.62 -18.99 -39.05
C MET B 303 -11.71 -17.96 -39.36
N LEU B 304 -11.34 -16.68 -39.33
CA LEU B 304 -12.30 -15.60 -39.54
C LEU B 304 -12.93 -15.69 -40.92
N SER B 305 -12.12 -15.97 -41.93
CA SER B 305 -12.63 -15.94 -43.30
C SER B 305 -13.16 -17.31 -43.73
N SER B 306 -13.43 -18.17 -42.76
CA SER B 306 -14.05 -19.46 -43.05
C SER B 306 -15.55 -19.39 -42.73
N SER C 2 40.53 -1.03 19.86
CA SER C 2 40.17 -1.20 21.25
C SER C 2 38.74 -0.74 21.51
N ALA C 3 38.14 -0.07 20.51
CA ALA C 3 36.73 0.31 20.57
C ALA C 3 35.85 -0.93 20.71
N PHE C 4 34.88 -0.87 21.61
CA PHE C 4 34.02 -2.01 21.89
C PHE C 4 32.56 -1.59 21.98
N PRO C 5 31.79 -1.77 20.88
CA PRO C 5 30.39 -1.37 20.93
C PRO C 5 29.54 -2.36 21.71
N VAL C 6 28.67 -1.84 22.57
CA VAL C 6 27.61 -2.62 23.20
C VAL C 6 26.29 -1.84 23.06
N HIS C 7 25.18 -2.50 23.40
CA HIS C 7 23.89 -1.84 23.50
C HIS C 7 23.46 -1.86 24.96
N ALA C 8 23.15 -0.68 25.50
CA ALA C 8 22.96 -0.55 26.94
C ALA C 8 21.59 -0.01 27.33
N ALA C 9 20.98 -0.65 28.33
CA ALA C 9 19.72 -0.20 28.88
C ALA C 9 19.93 0.31 30.30
N PHE C 10 19.63 1.59 30.54
CA PHE C 10 19.85 2.17 31.86
C PHE C 10 18.58 2.11 32.69
N GLU C 11 18.72 1.72 33.96
CA GLU C 11 17.58 1.64 34.88
C GLU C 11 16.70 2.90 34.89
N LYS C 12 15.43 2.71 34.54
CA LYS C 12 14.40 3.76 34.50
C LYS C 12 14.39 4.62 33.23
N ASP C 13 15.27 4.31 32.29
CA ASP C 13 15.21 4.93 30.96
C ASP C 13 14.13 4.24 30.13
N PHE C 14 13.89 4.75 28.93
CA PHE C 14 12.86 4.21 28.06
C PHE C 14 13.40 3.36 26.89
N LEU C 15 14.72 3.31 26.71
CA LEU C 15 15.26 2.62 25.53
C LEU C 15 16.61 1.94 25.71
N VAL C 16 17.04 1.25 24.65
CA VAL C 16 18.41 0.73 24.57
C VAL C 16 19.20 1.61 23.61
N GLN C 17 20.43 1.95 23.99
CA GLN C 17 21.28 2.79 23.14
C GLN C 17 22.59 2.13 22.82
N LEU C 18 23.14 2.51 21.67
CA LEU C 18 24.50 2.14 21.30
C LEU C 18 25.48 2.95 22.14
N VAL C 19 26.24 2.28 23.00
CA VAL C 19 27.32 2.94 23.72
C VAL C 19 28.64 2.24 23.42
N VAL C 20 29.58 2.96 22.84
CA VAL C 20 30.88 2.39 22.56
C VAL C 20 31.82 2.55 23.73
N VAL C 21 32.18 1.43 24.36
CA VAL C 21 33.11 1.42 25.45
C VAL C 21 34.48 0.91 24.98
N ASP C 22 35.39 0.69 25.91
CA ASP C 22 36.72 0.20 25.56
C ASP C 22 36.96 -1.20 26.10
N LEU C 23 37.67 -2.00 25.31
CA LEU C 23 38.00 -3.38 25.68
C LEU C 23 38.57 -3.53 27.10
N ASN C 24 39.24 -2.50 27.59
CA ASN C 24 39.88 -2.55 28.91
C ASN C 24 39.18 -1.71 29.99
N ASP C 25 37.99 -1.21 29.72
CA ASP C 25 37.20 -0.51 30.72
C ASP C 25 36.69 -1.43 31.82
N SER C 26 36.65 -0.90 33.05
CA SER C 26 36.04 -1.57 34.19
C SER C 26 34.51 -1.43 34.18
N MET C 27 33.82 -2.31 34.90
CA MET C 27 32.36 -2.25 34.99
C MET C 27 31.91 -1.04 35.79
N ASP C 28 32.87 -0.27 36.29
CA ASP C 28 32.54 1.01 36.92
C ASP C 28 32.59 2.09 35.85
N GLN C 29 33.52 1.94 34.91
CA GLN C 29 33.70 2.91 33.84
C GLN C 29 32.64 2.77 32.77
N VAL C 30 32.34 1.53 32.39
CA VAL C 30 31.29 1.27 31.44
C VAL C 30 30.01 1.92 31.94
N ALA C 31 29.74 1.80 33.23
CA ALA C 31 28.50 2.32 33.80
C ALA C 31 28.48 3.84 33.68
N GLU C 32 29.66 4.44 33.75
CA GLU C 32 29.79 5.89 33.57
C GLU C 32 29.48 6.30 32.14
N LYS C 33 30.11 5.63 31.19
CA LYS C 33 29.94 5.96 29.78
C LYS C 33 28.48 5.82 29.33
N VAL C 34 27.77 4.87 29.92
CA VAL C 34 26.35 4.71 29.63
C VAL C 34 25.53 5.81 30.29
N ALA C 35 25.77 6.01 31.57
CA ALA C 35 25.06 7.05 32.33
C ALA C 35 25.11 8.40 31.61
N TYR C 36 26.25 8.72 31.02
CA TYR C 36 26.43 10.00 30.34
C TYR C 36 25.29 10.26 29.35
N HIS C 37 24.74 9.19 28.81
CA HIS C 37 23.71 9.32 27.79
C HIS C 37 22.31 9.18 28.37
N CYS C 38 22.18 9.21 29.70
CA CYS C 38 20.92 8.86 30.33
C CYS C 38 20.54 9.75 31.52
N VAL C 39 21.37 9.71 32.56
CA VAL C 39 21.14 10.51 33.75
C VAL C 39 21.16 12.01 33.43
N ASN C 40 20.20 12.74 33.98
CA ASN C 40 20.05 14.16 33.70
C ASN C 40 19.58 14.45 32.28
N ARG C 41 19.26 13.39 31.53
CA ARG C 41 18.63 13.56 30.23
C ARG C 41 17.21 13.02 30.27
N ARG C 42 17.06 11.77 30.70
CA ARG C 42 15.72 11.18 30.82
C ARG C 42 15.56 10.47 32.15
N VAL C 43 16.64 10.44 32.94
CA VAL C 43 16.64 9.74 34.22
C VAL C 43 17.15 10.63 35.35
N ALA C 44 16.38 10.71 36.43
CA ALA C 44 16.79 11.53 37.55
C ALA C 44 18.03 10.92 38.20
N PRO C 45 18.98 11.76 38.62
CA PRO C 45 20.19 11.29 39.31
C PRO C 45 19.82 10.75 40.70
N ARG C 46 20.62 9.82 41.21
CA ARG C 46 20.34 9.21 42.51
C ARG C 46 21.59 8.70 43.23
N GLU C 47 21.49 8.58 44.56
CA GLU C 47 22.53 7.94 45.35
C GLU C 47 22.65 6.48 44.92
N GLY C 48 23.79 5.87 45.21
CA GLY C 48 23.95 4.46 44.94
C GLY C 48 25.08 4.13 43.99
N VAL C 49 25.38 2.85 43.87
CA VAL C 49 26.47 2.38 43.01
C VAL C 49 25.94 1.73 41.75
N MET C 50 26.27 2.32 40.61
CA MET C 50 25.91 1.76 39.32
C MET C 50 26.62 0.44 39.08
N ARG C 51 25.89 -0.55 38.58
N ARG C 51 25.89 -0.54 38.57
CA ARG C 51 26.48 -1.84 38.25
CA ARG C 51 26.44 -1.84 38.25
C ARG C 51 26.09 -2.29 36.85
C ARG C 51 26.08 -2.29 36.83
N VAL C 52 26.88 -3.20 36.28
CA VAL C 52 26.65 -3.72 34.94
C VAL C 52 26.30 -5.20 34.96
N ARG C 53 25.38 -5.62 34.08
CA ARG C 53 25.04 -7.03 33.94
C ARG C 53 24.64 -7.33 32.50
N LYS C 54 24.78 -8.57 32.07
CA LYS C 54 24.23 -8.97 30.79
C LYS C 54 22.73 -8.77 30.88
N HIS C 55 22.10 -8.44 29.76
CA HIS C 55 20.70 -8.05 29.74
C HIS C 55 19.77 -9.02 30.48
N ARG C 56 19.09 -8.50 31.50
CA ARG C 56 18.07 -9.25 32.24
C ARG C 56 18.67 -10.44 32.97
N SER C 57 19.98 -10.38 33.15
CA SER C 57 20.69 -11.43 33.87
C SER C 57 20.48 -11.26 35.36
N THR C 58 20.67 -12.34 36.09
CA THR C 58 20.58 -12.30 37.54
C THR C 58 21.98 -12.00 38.10
N GLU C 59 22.98 -12.22 37.26
CA GLU C 59 24.37 -12.07 37.63
C GLU C 59 24.87 -10.65 37.31
N LEU C 60 25.42 -9.99 38.31
CA LEU C 60 26.10 -8.70 38.12
C LEU C 60 27.59 -8.96 37.92
N PHE C 61 28.22 -8.19 37.04
CA PHE C 61 29.67 -8.27 36.90
C PHE C 61 30.34 -7.51 38.04
N PRO C 62 31.49 -8.01 38.52
CA PRO C 62 32.22 -7.28 39.55
C PRO C 62 32.61 -5.89 39.04
N ARG C 63 32.64 -4.91 39.94
CA ARG C 63 32.91 -3.54 39.58
C ARG C 63 34.30 -3.34 38.96
N ASP C 64 35.26 -4.15 39.40
CA ASP C 64 36.64 -4.02 38.97
C ASP C 64 36.93 -4.75 37.66
N MET C 65 36.10 -5.73 37.33
CA MET C 65 36.29 -6.53 36.12
C MET C 65 36.20 -5.68 34.86
N THR C 66 37.09 -5.96 33.90
CA THR C 66 37.07 -5.27 32.62
C THR C 66 36.16 -5.99 31.64
N ILE C 67 35.79 -5.33 30.55
CA ILE C 67 34.93 -5.97 29.58
C ILE C 67 35.66 -7.15 28.92
N ALA C 68 36.97 -7.00 28.72
CA ALA C 68 37.76 -8.05 28.10
C ALA C 68 37.69 -9.30 28.96
N GLU C 69 37.83 -9.10 30.26
CA GLU C 69 37.80 -10.18 31.24
C GLU C 69 36.40 -10.76 31.44
N SER C 70 35.38 -10.03 30.99
CA SER C 70 34.00 -10.43 31.25
C SER C 70 33.50 -11.52 30.31
N GLY C 71 34.06 -11.57 29.11
CA GLY C 71 33.62 -12.55 28.13
C GLY C 71 32.47 -12.03 27.28
N LEU C 72 32.10 -10.77 27.48
CA LEU C 72 31.09 -10.15 26.63
C LEU C 72 31.59 -10.11 25.20
N ASN C 73 30.68 -10.31 24.26
CA ASN C 73 30.99 -10.10 22.85
C ASN C 73 30.46 -8.73 22.40
N PRO C 74 31.13 -8.12 21.43
CA PRO C 74 30.65 -6.81 20.96
C PRO C 74 29.21 -6.91 20.44
N THR C 75 28.49 -5.80 20.48
CA THR C 75 27.07 -5.72 20.09
C THR C 75 26.12 -6.54 20.96
N GLU C 76 26.63 -7.15 22.03
CA GLU C 76 25.76 -7.80 23.01
C GLU C 76 25.05 -6.73 23.87
N VAL C 77 23.95 -7.12 24.52
CA VAL C 77 23.15 -6.18 25.29
C VAL C 77 23.43 -6.25 26.80
N ILE C 78 23.64 -5.09 27.43
CA ILE C 78 23.82 -5.02 28.88
C ILE C 78 22.84 -4.04 29.55
N ASP C 79 22.64 -4.22 30.85
CA ASP C 79 21.86 -3.29 31.64
C ASP C 79 22.78 -2.56 32.61
N VAL C 80 22.47 -1.31 32.92
CA VAL C 80 23.17 -0.61 33.99
C VAL C 80 22.17 -0.30 35.11
N VAL C 81 22.43 -0.84 36.30
CA VAL C 81 21.45 -0.81 37.38
C VAL C 81 22.09 -0.44 38.73
N PHE C 82 21.25 -0.14 39.71
CA PHE C 82 21.73 0.19 41.04
C PHE C 82 21.58 -0.99 42.01
N GLU C 83 22.53 -1.13 42.92
CA GLU C 83 22.53 -2.25 43.87
C GLU C 83 21.26 -2.24 44.73
N SER D 2 -7.77 -7.37 30.11
CA SER D 2 -8.29 -7.82 28.82
C SER D 2 -9.81 -7.90 28.85
N THR D 3 -10.43 -7.53 29.97
CA THR D 3 -11.89 -7.44 30.03
C THR D 3 -12.38 -6.42 29.00
N LEU D 4 -11.78 -5.23 29.02
CA LEU D 4 -12.14 -4.19 28.06
C LEU D 4 -12.03 -4.72 26.63
N ALA D 5 -10.90 -5.36 26.33
CA ALA D 5 -10.64 -5.89 24.99
C ALA D 5 -11.59 -7.03 24.62
N ASP D 6 -11.86 -7.89 25.59
CA ASP D 6 -12.81 -8.98 25.39
C ASP D 6 -14.18 -8.43 24.98
N GLN D 7 -14.65 -7.47 25.75
CA GLN D 7 -15.97 -6.90 25.51
C GLN D 7 -16.01 -6.23 24.14
N ALA D 8 -14.96 -5.47 23.82
CA ALA D 8 -14.88 -4.81 22.53
C ALA D 8 -14.95 -5.80 21.37
N LEU D 9 -14.25 -6.93 21.52
CA LEU D 9 -14.20 -7.96 20.48
C LEU D 9 -15.55 -8.67 20.35
N HIS D 10 -16.17 -8.97 21.48
CA HIS D 10 -17.46 -9.64 21.48
C HIS D 10 -18.61 -8.69 21.16
N ASN D 11 -18.69 -8.32 19.89
CA ASN D 11 -19.78 -7.51 19.40
C ASN D 11 -20.25 -8.14 18.11
N ASN D 12 -21.48 -7.83 17.71
CA ASN D 12 -21.99 -8.24 16.41
C ASN D 12 -22.43 -7.02 15.57
N ASN D 13 -21.78 -5.90 15.78
CA ASN D 13 -22.11 -4.68 15.04
C ASN D 13 -21.68 -4.73 13.58
N VAL D 14 -22.63 -4.47 12.68
CA VAL D 14 -22.35 -4.40 11.26
C VAL D 14 -22.96 -3.12 10.72
N GLY D 15 -22.41 -2.62 9.62
CA GLY D 15 -23.00 -1.46 8.97
C GLY D 15 -21.97 -0.48 8.41
N PRO D 16 -22.44 0.55 7.71
CA PRO D 16 -21.52 1.41 6.97
C PRO D 16 -20.80 2.45 7.84
N ILE D 17 -19.57 2.79 7.45
CA ILE D 17 -18.94 3.99 7.99
C ILE D 17 -18.96 4.99 6.85
N ILE D 18 -19.71 6.09 7.04
CA ILE D 18 -19.91 7.06 5.96
C ILE D 18 -19.08 8.30 6.21
N ARG D 19 -18.31 8.71 5.22
CA ARG D 19 -17.49 9.91 5.37
C ARG D 19 -18.36 11.16 5.36
N ALA D 20 -17.86 12.21 6.01
CA ALA D 20 -18.56 13.49 6.07
C ALA D 20 -18.98 13.94 4.68
N GLY D 21 -20.25 14.28 4.54
CA GLY D 21 -20.79 14.72 3.27
C GLY D 21 -22.30 14.55 3.19
N ASP D 22 -22.82 14.58 1.97
CA ASP D 22 -24.26 14.58 1.75
C ASP D 22 -24.91 13.22 1.92
N LEU D 23 -24.11 12.18 2.19
CA LEU D 23 -24.69 10.85 2.37
C LEU D 23 -24.91 10.47 3.84
N VAL D 24 -24.31 11.23 4.75
CA VAL D 24 -24.42 10.89 6.16
C VAL D 24 -25.86 10.76 6.65
N GLU D 25 -26.62 11.85 6.61
CA GLU D 25 -28.00 11.80 7.12
C GLU D 25 -28.90 10.83 6.34
N PRO D 26 -28.82 10.84 5.00
CA PRO D 26 -29.65 9.90 4.25
C PRO D 26 -29.37 8.44 4.57
N VAL D 27 -28.10 8.08 4.77
CA VAL D 27 -27.76 6.70 5.13
C VAL D 27 -28.27 6.33 6.52
N ILE D 28 -28.22 7.25 7.46
CA ILE D 28 -28.76 6.96 8.80
C ILE D 28 -30.26 6.73 8.71
N GLU D 29 -30.96 7.62 8.02
CA GLU D 29 -32.39 7.47 7.84
C GLU D 29 -32.72 6.16 7.14
N THR D 30 -31.93 5.79 6.15
CA THR D 30 -32.15 4.56 5.39
C THR D 30 -31.97 3.34 6.28
N ALA D 31 -30.92 3.37 7.10
CA ALA D 31 -30.67 2.24 8.01
C ALA D 31 -31.88 2.03 8.93
N GLU D 32 -32.43 3.13 9.46
CA GLU D 32 -33.61 3.04 10.30
C GLU D 32 -34.83 2.46 9.57
N ILE D 33 -35.09 2.98 8.38
CA ILE D 33 -36.28 2.58 7.63
C ILE D 33 -36.20 1.15 7.11
N ASP D 34 -35.02 0.75 6.64
CA ASP D 34 -34.89 -0.55 5.99
C ASP D 34 -34.60 -1.70 6.95
N ASN D 35 -34.42 -1.38 8.23
CA ASN D 35 -34.20 -2.38 9.26
C ASN D 35 -35.10 -2.13 10.46
N PRO D 36 -36.41 -2.13 10.25
CA PRO D 36 -37.34 -1.86 11.36
C PRO D 36 -37.20 -2.98 12.37
N GLY D 37 -37.45 -2.68 13.64
CA GLY D 37 -37.24 -3.68 14.66
C GLY D 37 -35.77 -3.98 14.93
N LYS D 38 -34.86 -3.28 14.26
CA LYS D 38 -33.47 -3.24 14.71
C LYS D 38 -33.21 -1.85 15.28
N GLU D 39 -32.44 -1.77 16.35
CA GLU D 39 -31.94 -0.49 16.83
C GLU D 39 -30.71 -0.08 16.01
N ILE D 40 -30.74 1.12 15.45
CA ILE D 40 -29.57 1.63 14.71
C ILE D 40 -28.72 2.50 15.63
N THR D 41 -27.44 2.17 15.76
CA THR D 41 -26.56 3.03 16.53
C THR D 41 -25.72 3.91 15.61
N VAL D 42 -25.39 5.10 16.09
CA VAL D 42 -24.62 6.06 15.31
C VAL D 42 -23.55 6.70 16.17
N GLU D 43 -22.29 6.57 15.75
CA GLU D 43 -21.19 7.21 16.45
C GLU D 43 -20.63 8.30 15.54
N ASP D 44 -20.70 9.54 16.01
CA ASP D 44 -20.30 10.69 15.18
C ASP D 44 -18.85 11.11 15.47
N ARG D 45 -17.96 10.87 14.51
CA ARG D 45 -16.56 11.30 14.63
C ARG D 45 -16.25 12.50 13.72
N ARG D 46 -17.30 13.20 13.29
CA ARG D 46 -17.20 14.43 12.49
C ARG D 46 -16.71 14.22 11.05
N ALA D 47 -15.53 13.62 10.90
CA ALA D 47 -15.01 13.29 9.57
C ALA D 47 -15.68 12.05 9.00
N TYR D 48 -16.27 11.26 9.89
CA TYR D 48 -17.01 10.06 9.49
C TYR D 48 -18.04 9.72 10.56
N VAL D 49 -19.00 8.88 10.17
CA VAL D 49 -20.02 8.42 11.10
C VAL D 49 -20.12 6.91 11.04
N ARG D 50 -20.06 6.26 12.21
CA ARG D 50 -20.13 4.81 12.30
C ARG D 50 -21.56 4.40 12.61
N ILE D 51 -22.21 3.74 11.65
CA ILE D 51 -23.62 3.39 11.74
C ILE D 51 -23.72 1.87 11.84
N ALA D 52 -24.48 1.36 12.81
CA ALA D 52 -24.48 -0.07 13.03
C ALA D 52 -25.81 -0.65 13.49
N ALA D 53 -26.02 -1.92 13.17
CA ALA D 53 -27.06 -2.70 13.79
C ALA D 53 -26.49 -4.07 14.19
N GLU D 54 -27.27 -4.80 14.97
CA GLU D 54 -26.90 -6.15 15.39
C GLU D 54 -27.07 -7.19 14.28
N GLY D 55 -25.99 -7.88 13.94
CA GLY D 55 -26.04 -9.05 13.08
C GLY D 55 -26.18 -8.79 11.59
N GLU D 56 -27.02 -7.82 11.24
CA GLU D 56 -27.30 -7.53 9.84
C GLU D 56 -27.87 -6.13 9.71
N LEU D 57 -27.47 -5.43 8.64
CA LEU D 57 -27.96 -4.09 8.35
C LEU D 57 -28.06 -3.94 6.84
N ILE D 58 -29.25 -3.66 6.36
CA ILE D 58 -29.50 -3.55 4.92
C ILE D 58 -29.73 -2.09 4.52
N LEU D 59 -29.17 -1.69 3.38
CA LEU D 59 -29.50 -0.41 2.75
C LEU D 59 -30.03 -0.68 1.35
N THR D 60 -31.29 -0.38 1.08
CA THR D 60 -31.81 -0.54 -0.26
C THR D 60 -31.59 0.73 -1.09
N ARG D 61 -31.33 0.53 -2.37
CA ARG D 61 -31.19 1.68 -3.27
C ARG D 61 -32.45 2.54 -3.28
N LYS D 62 -33.61 1.89 -3.34
CA LYS D 62 -34.88 2.63 -3.39
C LYS D 62 -35.05 3.57 -2.19
N THR D 63 -34.79 3.08 -0.99
CA THR D 63 -34.93 3.91 0.20
C THR D 63 -33.86 5.01 0.26
N LEU D 64 -32.61 4.68 -0.06
CA LEU D 64 -31.55 5.67 -0.01
C LEU D 64 -31.84 6.83 -0.98
N GLU D 65 -32.35 6.48 -2.16
CA GLU D 65 -32.70 7.46 -3.16
C GLU D 65 -33.78 8.38 -2.60
N GLU D 66 -34.76 7.80 -1.92
CA GLU D 66 -35.83 8.58 -1.31
C GLU D 66 -35.31 9.52 -0.23
N GLN D 67 -34.44 9.02 0.65
CA GLN D 67 -33.90 9.85 1.73
C GLN D 67 -32.87 10.87 1.24
N LEU D 68 -32.17 10.53 0.17
CA LEU D 68 -31.18 11.44 -0.42
C LEU D 68 -31.86 12.58 -1.18
N GLY D 69 -32.99 12.28 -1.82
CA GLY D 69 -33.78 13.30 -2.52
C GLY D 69 -33.43 13.54 -3.97
N ARG D 70 -32.61 12.66 -4.56
CA ARG D 70 -32.22 12.80 -5.97
C ARG D 70 -31.97 11.40 -6.54
N PRO D 71 -31.99 11.27 -7.88
CA PRO D 71 -31.73 9.97 -8.49
C PRO D 71 -30.41 9.37 -8.02
N PHE D 72 -30.43 8.08 -7.72
CA PHE D 72 -29.27 7.44 -7.10
C PHE D 72 -29.12 6.00 -7.54
N ASN D 73 -27.91 5.62 -7.95
CA ASN D 73 -27.59 4.25 -8.30
C ASN D 73 -26.75 3.69 -7.19
N MET D 74 -26.94 2.41 -6.88
CA MET D 74 -26.34 1.81 -5.70
C MET D 74 -24.82 1.96 -5.74
N GLN D 75 -24.23 1.87 -6.94
CA GLN D 75 -22.79 1.92 -7.06
C GLN D 75 -22.20 3.26 -6.60
N GLU D 76 -23.02 4.30 -6.55
CA GLU D 76 -22.52 5.60 -6.10
C GLU D 76 -22.20 5.62 -4.62
N LEU D 77 -22.75 4.67 -3.85
CA LEU D 77 -22.52 4.71 -2.41
C LEU D 77 -21.02 4.67 -2.14
N GLU D 78 -20.28 4.00 -3.02
CA GLU D 78 -18.82 3.89 -2.92
C GLU D 78 -18.16 5.25 -2.76
N ILE D 79 -18.77 6.28 -3.32
CA ILE D 79 -18.19 7.61 -3.19
C ILE D 79 -18.04 8.04 -1.74
N ASN D 80 -18.91 7.55 -0.87
CA ASN D 80 -18.92 7.96 0.52
C ASN D 80 -18.84 6.84 1.55
N LEU D 81 -18.72 5.60 1.08
CA LEU D 81 -18.57 4.45 1.98
C LEU D 81 -17.08 4.28 2.34
N ALA D 82 -16.66 4.93 3.41
CA ALA D 82 -15.25 5.01 3.77
C ALA D 82 -14.74 3.70 4.40
N SER D 83 -15.64 2.99 5.08
CA SER D 83 -15.35 1.66 5.60
C SER D 83 -16.66 0.97 5.92
N PHE D 84 -16.59 -0.23 6.50
CA PHE D 84 -17.79 -0.90 6.97
C PHE D 84 -17.42 -2.01 7.93
N ALA D 85 -18.33 -2.34 8.83
CA ALA D 85 -18.19 -3.50 9.70
C ALA D 85 -19.13 -4.56 9.16
N GLY D 86 -18.74 -5.82 9.27
CA GLY D 86 -19.51 -6.90 8.69
C GLY D 86 -18.92 -7.33 7.36
N GLN D 87 -19.35 -8.50 6.89
CA GLN D 87 -19.08 -8.91 5.53
C GLN D 87 -20.10 -8.19 4.65
N ILE D 88 -19.78 -8.04 3.37
CA ILE D 88 -20.64 -7.25 2.50
C ILE D 88 -21.20 -8.09 1.35
N GLN D 89 -22.47 -7.86 1.05
CA GLN D 89 -23.17 -8.50 -0.07
C GLN D 89 -23.85 -7.37 -0.84
N ALA D 90 -23.38 -7.06 -2.03
CA ALA D 90 -23.85 -5.88 -2.72
C ALA D 90 -24.38 -6.20 -4.10
N ASP D 91 -25.43 -5.49 -4.50
CA ASP D 91 -25.96 -5.61 -5.86
C ASP D 91 -26.60 -4.30 -6.29
N GLU D 92 -27.23 -4.32 -7.46
CA GLU D 92 -27.85 -3.13 -8.05
C GLU D 92 -28.99 -2.57 -7.19
N ASP D 93 -29.51 -3.40 -6.28
CA ASP D 93 -30.72 -3.06 -5.52
C ASP D 93 -30.48 -2.75 -4.05
N GLN D 94 -29.38 -3.23 -3.49
CA GLN D 94 -29.10 -2.99 -2.08
C GLN D 94 -27.70 -3.41 -1.69
N ILE D 95 -27.29 -2.97 -0.50
CA ILE D 95 -26.13 -3.56 0.14
C ILE D 95 -26.53 -4.12 1.49
N ARG D 96 -25.98 -5.29 1.81
CA ARG D 96 -26.22 -5.99 3.08
C ARG D 96 -24.91 -6.12 3.83
N PHE D 97 -24.85 -5.62 5.07
CA PHE D 97 -23.72 -5.84 5.96
C PHE D 97 -24.15 -6.90 6.97
N TYR D 98 -23.31 -7.89 7.24
CA TYR D 98 -23.76 -9.03 8.03
C TYR D 98 -22.59 -9.85 8.56
N PHE D 99 -22.84 -10.62 9.62
CA PHE D 99 -21.87 -11.60 10.13
C PHE D 99 -22.40 -13.02 9.96
N ASP D 100 -21.50 -13.97 9.72
CA ASP D 100 -21.88 -15.38 9.75
C ASP D 100 -21.96 -15.90 11.17
N LYS D 101 -21.12 -15.38 12.06
CA LYS D 101 -21.05 -15.91 13.42
C LYS D 101 -21.74 -14.99 14.41
N THR D 102 -22.06 -15.51 15.59
CA THR D 102 -22.63 -14.71 16.65
C THR D 102 -21.73 -14.79 17.87
N MET D 103 -21.10 -13.67 18.21
CA MET D 103 -20.16 -13.62 19.32
C MET D 103 -20.82 -13.21 20.63
FE FE E . -3.98 3.26 -1.05
FE FE F . -4.94 0.27 -0.63
C1 IPH G . -1.96 1.71 1.01
C2 IPH G . -2.06 2.76 1.92
C3 IPH G . -0.92 3.26 2.52
C4 IPH G . 0.32 2.71 2.22
C5 IPH G . 0.42 1.67 1.31
C6 IPH G . -0.72 1.17 0.69
O1 IPH G . -3.09 1.22 0.40
C1 IPH H . 17.15 7.33 15.22
C2 IPH H . 18.47 7.22 14.82
C3 IPH H . 18.93 6.02 14.30
C4 IPH H . 18.06 4.96 14.17
C5 IPH H . 16.73 5.07 14.56
C6 IPH H . 16.28 6.26 15.10
O1 IPH H . 16.70 8.52 15.75
C1 IPH I . 13.90 7.46 17.58
C2 IPH I . 12.62 6.92 17.52
C3 IPH I . 12.15 6.10 18.53
C4 IPH I . 12.95 5.81 19.62
C5 IPH I . 14.24 6.33 19.68
C6 IPH I . 14.71 7.16 18.67
O1 IPH I . 14.36 8.29 16.56
C1 IPH J . -24.69 -2.01 -15.90
C2 IPH J . -23.46 -1.90 -15.25
C3 IPH J . -22.32 -1.53 -15.96
C4 IPH J . -22.43 -1.25 -17.32
C5 IPH J . -23.66 -1.37 -17.97
C6 IPH J . -24.79 -1.74 -17.26
O1 IPH J . -25.80 -2.39 -15.18
C1 IPH K . 2.42 4.50 7.78
C2 IPH K . 1.98 3.75 8.87
C3 IPH K . 1.44 4.40 9.97
C4 IPH K . 1.34 5.78 9.99
C5 IPH K . 1.78 6.52 8.92
C6 IPH K . 2.31 5.88 7.81
O1 IPH K . 2.95 3.86 6.69
C1 IPH L . -19.25 -1.77 -21.18
C2 IPH L . -20.57 -2.16 -21.02
C3 IPH L . -21.59 -1.23 -21.10
C4 IPH L . -21.31 0.10 -21.35
C5 IPH L . -19.99 0.50 -21.51
C6 IPH L . -18.95 -0.43 -21.42
O1 IPH L . -18.23 -2.70 -21.10
OH2 1PE M . -14.35 16.78 -19.38
C12 1PE M . -15.31 16.04 -20.17
C22 1PE M . -14.97 14.54 -20.20
OH3 1PE M . -15.95 13.83 -20.98
C13 1PE M . -18.40 13.25 -21.16
C23 1PE M . -17.25 13.92 -20.38
OH4 1PE M . -19.54 13.50 -20.32
C14 1PE M . -19.49 11.27 -19.33
C24 1PE M . -19.27 12.76 -19.13
OH5 1PE M . -20.90 11.17 -19.59
C15 1PE M . -22.97 11.70 -18.18
C25 1PE M . -21.46 11.61 -18.31
OH6 1PE M . -23.27 12.13 -16.83
C16 1PE M . -23.03 11.49 -14.45
C26 1PE M . -22.79 11.12 -15.91
OH7 1PE M . -22.53 10.44 -13.61
#